data_4IMD
#
_entry.id   4IMD
#
_cell.length_a   80.825
_cell.length_b   114.057
_cell.length_c   82.030
_cell.angle_alpha   90.00
_cell.angle_beta   111.74
_cell.angle_gamma   90.00
#
_symmetry.space_group_name_H-M   'P 1 21 1'
#
loop_
_entity.id
_entity.type
_entity.pdbx_description
1 polymer 'N-acetylneuraminate lyase'
2 non-polymer 'PHOSPHATE ION'
3 non-polymer 1,2-ETHANEDIOL
4 water water
#
_entity_poly.entity_id   1
_entity_poly.type   'polypeptide(L)'
_entity_poly.pdbx_seq_one_letter_code
;MKNLKGIFSALLVSFNADGSINEKGLRQIVRYNIDKMKVDGLYVGGSTGENFMLSTEEKKEIFRIAKDEAKDEIALIAQV
GSVNLQEAIELGKYATELGYDSLSAVTPFYYKFSFPEIKHYYDSIIEATGNYMIVYSIPFLTGVNIGVEQFGELYKNPKV
LGV(KPI)FTAGDFYLLERLKKAYPNHLIWAGFDEMMLPAASLGVDGAIGSTFNVNGVRARQIFELTQAGKLKEALEIQH
VTNDLIEGILANGLYLTIKELLKLDGVEAGYCREPMTKELSSEKVAFAKELKAKYLS
;
_entity_poly.pdbx_strand_id   A,B,C,D
#
loop_
_chem_comp.id
_chem_comp.type
_chem_comp.name
_chem_comp.formula
EDO non-polymer 1,2-ETHANEDIOL 'C2 H6 O2'
PO4 non-polymer 'PHOSPHATE ION' 'O4 P -3'
#
# COMPACT_ATOMS: atom_id res chain seq x y z
N LYS A 2 -31.87 17.74 -19.32
CA LYS A 2 -30.67 17.53 -20.18
C LYS A 2 -29.90 16.25 -19.85
N ASN A 3 -29.57 15.50 -20.89
CA ASN A 3 -29.03 14.13 -20.81
C ASN A 3 -27.55 14.17 -20.44
N LEU A 4 -27.19 13.44 -19.40
CA LEU A 4 -25.81 13.54 -18.90
C LEU A 4 -25.01 12.32 -19.27
N LYS A 5 -25.57 11.46 -20.14
CA LYS A 5 -24.88 10.30 -20.65
C LYS A 5 -23.85 10.64 -21.71
N GLY A 6 -22.89 9.76 -21.96
CA GLY A 6 -21.95 9.96 -23.06
C GLY A 6 -20.60 10.52 -22.72
N ILE A 7 -20.07 11.31 -23.68
CA ILE A 7 -18.65 11.68 -23.69
C ILE A 7 -18.43 13.09 -23.16
N PHE A 8 -17.72 13.22 -22.02
CA PHE A 8 -17.45 14.50 -21.40
C PHE A 8 -15.94 14.75 -21.29
N SER A 9 -15.45 15.83 -21.93
CA SER A 9 -14.06 16.24 -21.71
C SER A 9 -13.93 16.92 -20.33
N ALA A 10 -12.93 16.51 -19.57
CA ALA A 10 -12.60 17.21 -18.33
C ALA A 10 -11.81 18.45 -18.82
N LEU A 11 -12.37 19.65 -18.65
CA LEU A 11 -11.93 20.85 -19.32
C LEU A 11 -10.57 21.33 -18.78
N LEU A 12 -9.61 21.48 -19.70
CA LEU A 12 -8.31 22.09 -19.40
C LEU A 12 -8.47 23.60 -19.41
N VAL A 13 -7.61 24.27 -18.67
CA VAL A 13 -7.70 25.71 -18.58
C VAL A 13 -6.37 26.31 -19.08
N SER A 14 -6.46 27.36 -19.90
N SER A 14 -6.44 27.36 -19.89
CA SER A 14 -5.33 28.15 -20.38
CA SER A 14 -5.27 28.08 -20.36
C SER A 14 -4.85 29.18 -19.35
C SER A 14 -4.85 29.16 -19.36
N PHE A 15 -3.59 29.07 -18.92
CA PHE A 15 -3.01 30.02 -18.00
C PHE A 15 -1.93 30.86 -18.73
N ASN A 16 -1.77 32.11 -18.28
CA ASN A 16 -0.66 32.98 -18.69
C ASN A 16 0.59 32.60 -17.91
N ALA A 17 1.73 33.17 -18.31
CA ALA A 17 3.01 32.90 -17.65
C ALA A 17 3.00 33.19 -16.13
N ASP A 18 2.16 34.12 -15.66
CA ASP A 18 2.10 34.45 -14.24
C ASP A 18 1.02 33.64 -13.52
N GLY A 19 0.38 32.72 -14.24
CA GLY A 19 -0.60 31.82 -13.63
C GLY A 19 -2.04 32.34 -13.68
N SER A 20 -2.25 33.54 -14.18
CA SER A 20 -3.62 34.07 -14.33
C SER A 20 -4.34 33.30 -15.46
N ILE A 21 -5.66 33.27 -15.41
N ILE A 21 -5.67 33.26 -15.41
CA ILE A 21 -6.47 32.63 -16.44
CA ILE A 21 -6.50 32.61 -16.42
C ILE A 21 -6.38 33.45 -17.72
C ILE A 21 -6.43 33.44 -17.71
N ASN A 22 -6.22 32.78 -18.84
CA ASN A 22 -6.23 33.46 -20.13
C ASN A 22 -7.61 33.16 -20.74
N GLU A 23 -8.50 34.15 -20.69
CA GLU A 23 -9.90 33.96 -21.06
C GLU A 23 -10.03 33.58 -22.52
N LYS A 24 -9.26 34.22 -23.35
CA LYS A 24 -9.36 33.96 -24.77
C LYS A 24 -8.97 32.53 -25.05
N GLY A 25 -7.90 32.06 -24.42
CA GLY A 25 -7.52 30.67 -24.56
C GLY A 25 -8.54 29.64 -24.03
N LEU A 26 -9.07 29.90 -22.83
CA LEU A 26 -10.07 29.03 -22.26
C LEU A 26 -11.28 28.91 -23.19
N ARG A 27 -11.65 30.02 -23.79
CA ARG A 27 -12.77 29.99 -24.74
C ARG A 27 -12.40 29.18 -26.00
N GLN A 28 -11.14 29.27 -26.46
CA GLN A 28 -10.74 28.42 -27.61
C GLN A 28 -10.78 26.92 -27.26
N ILE A 29 -10.41 26.59 -26.03
CA ILE A 29 -10.43 25.23 -25.61
C ILE A 29 -11.88 24.77 -25.55
N VAL A 30 -12.79 25.57 -24.99
CA VAL A 30 -14.20 25.18 -24.89
C VAL A 30 -14.77 24.95 -26.33
N ARG A 31 -14.52 25.95 -27.19
CA ARG A 31 -15.01 25.92 -28.60
C ARG A 31 -14.46 24.67 -29.34
N TYR A 32 -13.18 24.37 -29.16
CA TYR A 32 -12.60 23.18 -29.80
C TYR A 32 -13.27 21.86 -29.30
N ASN A 33 -13.56 21.76 -28.00
CA ASN A 33 -14.21 20.55 -27.52
C ASN A 33 -15.59 20.43 -28.15
N ILE A 34 -16.34 21.52 -28.21
CA ILE A 34 -17.73 21.44 -28.77
C ILE A 34 -17.75 21.18 -30.29
N ASP A 35 -16.97 21.96 -31.04
CA ASP A 35 -17.06 21.96 -32.51
C ASP A 35 -16.19 20.90 -33.18
N LYS A 36 -15.03 20.56 -32.57
CA LYS A 36 -14.08 19.65 -33.22
C LYS A 36 -14.09 18.27 -32.54
N MET A 37 -14.07 18.22 -31.21
CA MET A 37 -14.10 16.95 -30.50
C MET A 37 -15.52 16.36 -30.46
N LYS A 38 -16.53 17.19 -30.70
CA LYS A 38 -17.93 16.74 -30.69
C LYS A 38 -18.32 16.05 -29.37
N VAL A 39 -17.86 16.58 -28.25
CA VAL A 39 -18.25 16.03 -26.94
C VAL A 39 -19.73 16.23 -26.64
N ASP A 40 -20.32 15.37 -25.78
CA ASP A 40 -21.69 15.61 -25.24
C ASP A 40 -21.73 16.71 -24.19
N GLY A 41 -20.63 16.86 -23.44
CA GLY A 41 -20.57 17.87 -22.42
C GLY A 41 -19.16 18.14 -21.92
N LEU A 42 -19.07 19.10 -21.00
CA LEU A 42 -17.80 19.39 -20.29
C LEU A 42 -17.97 19.20 -18.80
N TYR A 43 -16.89 18.75 -18.18
CA TYR A 43 -16.78 18.59 -16.75
C TYR A 43 -15.74 19.64 -16.35
N VAL A 44 -16.19 20.66 -15.64
CA VAL A 44 -15.43 21.84 -15.44
C VAL A 44 -15.05 21.89 -13.96
N GLY A 45 -13.81 22.34 -13.69
CA GLY A 45 -13.29 22.41 -12.33
C GLY A 45 -12.80 21.09 -11.72
N GLY A 46 -12.48 20.12 -12.56
CA GLY A 46 -11.92 18.85 -12.15
C GLY A 46 -10.40 18.89 -11.95
N SER A 47 -9.81 17.72 -11.64
CA SER A 47 -8.34 17.61 -11.53
C SER A 47 -7.66 18.20 -12.78
N THR A 48 -8.27 17.95 -13.94
CA THR A 48 -7.70 18.24 -15.25
C THR A 48 -7.58 19.74 -15.50
N GLY A 49 -8.54 20.47 -14.92
CA GLY A 49 -8.55 21.92 -15.03
C GLY A 49 -7.63 22.60 -14.03
N GLU A 50 -6.76 21.82 -13.39
CA GLU A 50 -5.81 22.32 -12.39
C GLU A 50 -6.51 23.07 -11.26
N ASN A 51 -7.76 22.65 -11.02
CA ASN A 51 -8.65 23.28 -10.06
C ASN A 51 -8.04 23.47 -8.67
N PHE A 52 -7.39 22.45 -8.16
CA PHE A 52 -6.99 22.44 -6.76
C PHE A 52 -5.76 23.28 -6.51
N MET A 53 -5.16 23.82 -7.60
CA MET A 53 -4.08 24.86 -7.45
C MET A 53 -4.56 26.31 -7.52
N LEU A 54 -5.88 26.53 -7.55
CA LEU A 54 -6.48 27.86 -7.78
C LEU A 54 -7.24 28.45 -6.57
N SER A 55 -7.46 29.77 -6.63
CA SER A 55 -8.25 30.44 -5.63
C SER A 55 -9.75 30.25 -5.93
N THR A 56 -10.58 30.50 -4.94
CA THR A 56 -12.05 30.42 -5.10
C THR A 56 -12.54 31.33 -6.27
N GLU A 57 -12.01 32.55 -6.31
CA GLU A 57 -12.35 33.54 -7.36
C GLU A 57 -11.98 33.03 -8.72
N GLU A 58 -10.79 32.42 -8.82
CA GLU A 58 -10.37 31.87 -10.11
C GLU A 58 -11.27 30.73 -10.58
N LYS A 59 -11.66 29.84 -9.65
CA LYS A 59 -12.66 28.81 -9.90
C LYS A 59 -13.99 29.40 -10.39
N LYS A 60 -14.53 30.38 -9.70
CA LYS A 60 -15.76 31.02 -10.17
C LYS A 60 -15.63 31.62 -11.59
N GLU A 61 -14.49 32.25 -11.85
CA GLU A 61 -14.17 32.86 -13.13
C GLU A 61 -14.24 31.81 -14.23
N ILE A 62 -13.63 30.65 -13.99
CA ILE A 62 -13.67 29.54 -14.96
C ILE A 62 -15.10 29.01 -15.22
N PHE A 63 -15.86 28.73 -14.15
CA PHE A 63 -17.25 28.36 -14.31
C PHE A 63 -18.02 29.35 -15.21
N ARG A 64 -17.84 30.63 -14.93
CA ARG A 64 -18.54 31.69 -15.67
C ARG A 64 -18.17 31.67 -17.16
N ILE A 65 -16.87 31.73 -17.42
CA ILE A 65 -16.40 31.72 -18.78
C ILE A 65 -16.81 30.50 -19.54
N ALA A 66 -16.65 29.32 -18.94
CA ALA A 66 -17.02 28.08 -19.65
C ALA A 66 -18.47 28.11 -20.05
N LYS A 67 -19.31 28.54 -19.11
CA LYS A 67 -20.76 28.53 -19.31
C LYS A 67 -21.18 29.55 -20.39
N ASP A 68 -20.62 30.74 -20.28
CA ASP A 68 -20.82 31.80 -21.26
C ASP A 68 -20.45 31.38 -22.69
N GLU A 69 -19.36 30.63 -22.84
CA GLU A 69 -18.94 30.21 -24.16
C GLU A 69 -19.78 29.04 -24.71
N ALA A 70 -20.07 28.06 -23.85
CA ALA A 70 -20.87 26.88 -24.26
C ALA A 70 -22.36 27.16 -24.47
N LYS A 71 -22.91 28.10 -23.69
CA LYS A 71 -24.35 28.38 -23.61
C LYS A 71 -25.12 27.10 -23.33
N ASP A 72 -26.05 26.78 -24.23
CA ASP A 72 -26.85 25.58 -24.08
C ASP A 72 -26.64 24.54 -25.16
N GLU A 73 -25.52 24.60 -25.88
CA GLU A 73 -25.22 23.58 -26.89
C GLU A 73 -24.88 22.19 -26.33
N ILE A 74 -24.29 22.14 -25.14
CA ILE A 74 -23.89 20.88 -24.53
C ILE A 74 -24.28 20.82 -23.04
N ALA A 75 -24.06 19.66 -22.42
CA ALA A 75 -24.33 19.55 -21.03
C ALA A 75 -23.09 20.02 -20.27
N LEU A 76 -23.28 20.58 -19.08
CA LEU A 76 -22.11 20.94 -18.28
C LEU A 76 -22.25 20.46 -16.86
N ILE A 77 -21.14 19.94 -16.32
CA ILE A 77 -21.09 19.47 -14.96
C ILE A 77 -20.05 20.30 -14.24
N ALA A 78 -20.39 20.75 -13.05
CA ALA A 78 -19.44 21.56 -12.24
C ALA A 78 -18.92 20.80 -11.00
N GLN A 79 -17.61 20.63 -10.98
CA GLN A 79 -16.92 19.96 -9.87
C GLN A 79 -16.63 21.07 -8.87
N VAL A 80 -17.23 20.97 -7.70
CA VAL A 80 -17.13 22.04 -6.71
C VAL A 80 -16.60 21.54 -5.34
N GLY A 81 -16.17 20.27 -5.28
CA GLY A 81 -15.55 19.66 -4.10
C GLY A 81 -14.28 20.27 -3.62
N SER A 82 -14.03 20.10 -2.32
CA SER A 82 -12.93 20.77 -1.64
C SER A 82 -12.79 20.17 -0.25
N VAL A 83 -11.60 20.28 0.37
CA VAL A 83 -11.50 19.99 1.81
C VAL A 83 -12.32 20.99 2.64
N ASN A 84 -12.50 22.20 2.12
CA ASN A 84 -13.36 23.25 2.71
C ASN A 84 -14.85 23.10 2.21
N LEU A 85 -15.74 22.64 3.10
CA LEU A 85 -17.15 22.45 2.76
C LEU A 85 -17.82 23.81 2.47
N GLN A 86 -17.49 24.85 3.23
CA GLN A 86 -18.03 26.17 2.93
C GLN A 86 -17.66 26.65 1.52
N GLU A 87 -16.42 26.39 1.10
CA GLU A 87 -16.05 26.77 -0.24
C GLU A 87 -16.88 25.94 -1.26
N ALA A 88 -17.04 24.64 -1.00
CA ALA A 88 -17.81 23.76 -1.87
C ALA A 88 -19.24 24.22 -2.04
N ILE A 89 -19.87 24.62 -0.93
CA ILE A 89 -21.23 25.20 -0.99
C ILE A 89 -21.30 26.52 -1.80
N GLU A 90 -20.30 27.39 -1.59
CA GLU A 90 -20.28 28.64 -2.32
C GLU A 90 -20.23 28.38 -3.83
N LEU A 91 -19.32 27.48 -4.24
CA LEU A 91 -19.07 27.21 -5.65
C LEU A 91 -20.28 26.49 -6.22
N GLY A 92 -20.86 25.60 -5.40
CA GLY A 92 -22.07 24.87 -5.79
C GLY A 92 -23.23 25.81 -6.04
N LYS A 93 -23.46 26.74 -5.13
CA LYS A 93 -24.52 27.75 -5.40
C LYS A 93 -24.25 28.58 -6.69
N TYR A 94 -23.01 29.00 -6.87
CA TYR A 94 -22.67 29.82 -8.00
C TYR A 94 -22.88 29.08 -9.33
N ALA A 95 -22.37 27.85 -9.41
CA ALA A 95 -22.53 27.02 -10.59
C ALA A 95 -23.97 26.69 -10.88
N THR A 96 -24.75 26.45 -9.84
CA THR A 96 -26.18 26.22 -9.97
C THR A 96 -26.89 27.47 -10.56
N GLU A 97 -26.60 28.64 -10.01
CA GLU A 97 -27.15 29.89 -10.52
C GLU A 97 -26.74 30.09 -11.98
N LEU A 98 -25.52 29.74 -12.35
CA LEU A 98 -25.12 29.80 -13.76
C LEU A 98 -25.89 28.81 -14.66
N GLY A 99 -26.57 27.83 -14.06
CA GLY A 99 -27.31 26.80 -14.83
C GLY A 99 -26.54 25.55 -15.27
N TYR A 100 -25.49 25.18 -14.51
CA TYR A 100 -24.83 23.87 -14.72
C TYR A 100 -25.83 22.75 -14.49
N ASP A 101 -25.77 21.70 -15.29
CA ASP A 101 -26.81 20.66 -15.26
C ASP A 101 -26.67 19.75 -14.02
N SER A 102 -25.44 19.65 -13.48
CA SER A 102 -25.22 18.90 -12.26
C SER A 102 -23.94 19.42 -11.59
N LEU A 103 -23.85 19.17 -10.28
CA LEU A 103 -22.64 19.37 -9.56
C LEU A 103 -21.97 18.03 -9.51
N SER A 104 -20.72 18.08 -9.07
CA SER A 104 -19.95 16.90 -8.76
C SER A 104 -19.01 17.35 -7.64
N ALA A 105 -18.53 16.42 -6.81
CA ALA A 105 -17.61 16.80 -5.76
C ALA A 105 -16.75 15.61 -5.34
N VAL A 106 -15.45 15.81 -5.47
CA VAL A 106 -14.46 14.87 -4.96
C VAL A 106 -14.75 14.62 -3.48
N THR A 107 -14.52 13.38 -3.03
CA THR A 107 -14.64 13.11 -1.60
C THR A 107 -13.61 13.97 -0.83
N PRO A 108 -13.98 14.50 0.36
CA PRO A 108 -13.03 15.36 1.02
C PRO A 108 -11.73 14.58 1.34
N PHE A 109 -10.61 15.25 1.25
CA PHE A 109 -9.32 14.57 1.30
C PHE A 109 -8.34 15.20 2.31
N TYR A 110 -7.06 14.82 2.18
CA TYR A 110 -6.01 15.19 3.15
C TYR A 110 -6.27 14.52 4.52
N TYR A 111 -7.29 14.98 5.24
CA TYR A 111 -7.69 14.35 6.53
C TYR A 111 -8.34 13.03 6.23
N LYS A 112 -8.25 12.12 7.19
CA LYS A 112 -8.97 10.85 7.07
C LYS A 112 -10.44 10.93 7.54
N PHE A 113 -11.38 11.24 6.66
CA PHE A 113 -12.83 11.41 7.05
C PHE A 113 -13.54 10.07 7.19
N SER A 114 -14.46 9.97 8.13
CA SER A 114 -15.24 8.77 8.26
C SER A 114 -16.30 8.75 7.16
N PHE A 115 -16.96 7.62 6.97
CA PHE A 115 -18.03 7.64 5.95
C PHE A 115 -19.25 8.53 6.26
N PRO A 116 -19.75 8.50 7.53
CA PRO A 116 -20.85 9.44 7.83
C PRO A 116 -20.42 10.93 7.62
N GLU A 117 -19.15 11.29 7.87
CA GLU A 117 -18.69 12.62 7.46
C GLU A 117 -18.80 12.85 5.95
N ILE A 118 -18.37 11.87 5.16
CA ILE A 118 -18.44 11.96 3.73
C ILE A 118 -19.90 12.12 3.26
N LYS A 119 -20.79 11.28 3.76
CA LYS A 119 -22.21 11.41 3.42
C LYS A 119 -22.78 12.79 3.80
N HIS A 120 -22.51 13.22 5.02
CA HIS A 120 -22.96 14.55 5.45
C HIS A 120 -22.45 15.66 4.52
N TYR A 121 -21.21 15.56 4.10
CA TYR A 121 -20.63 16.53 3.14
C TYR A 121 -21.41 16.60 1.83
N TYR A 122 -21.71 15.46 1.23
CA TYR A 122 -22.55 15.44 0.00
C TYR A 122 -23.97 15.96 0.27
N ASP A 123 -24.58 15.53 1.36
CA ASP A 123 -25.93 15.97 1.71
C ASP A 123 -26.02 17.49 1.93
N SER A 124 -24.97 18.07 2.49
CA SER A 124 -24.93 19.54 2.77
C SER A 124 -24.80 20.31 1.50
N ILE A 125 -23.94 19.85 0.59
CA ILE A 125 -23.82 20.55 -0.68
C ILE A 125 -25.18 20.49 -1.42
N ILE A 126 -25.78 19.31 -1.46
CA ILE A 126 -27.07 19.13 -2.17
C ILE A 126 -28.18 20.01 -1.59
N GLU A 127 -28.31 20.00 -0.25
CA GLU A 127 -29.32 20.79 0.43
C GLU A 127 -29.13 22.30 0.19
N ALA A 128 -27.88 22.77 0.25
CA ALA A 128 -27.63 24.21 0.09
C ALA A 128 -27.85 24.68 -1.35
N THR A 129 -27.75 23.78 -2.33
CA THR A 129 -27.80 24.21 -3.70
C THR A 129 -29.09 23.81 -4.42
N GLY A 130 -29.74 22.73 -3.96
CA GLY A 130 -30.86 22.18 -4.68
C GLY A 130 -30.49 21.46 -5.96
N ASN A 131 -29.21 21.30 -6.30
CA ASN A 131 -28.85 20.75 -7.64
C ASN A 131 -28.58 19.22 -7.49
N TYR A 132 -28.58 18.50 -8.62
CA TYR A 132 -27.98 17.17 -8.77
C TYR A 132 -26.50 17.06 -8.41
N MET A 133 -26.11 15.84 -8.03
CA MET A 133 -24.73 15.57 -7.48
C MET A 133 -24.18 14.29 -8.03
N ILE A 134 -22.96 14.36 -8.55
CA ILE A 134 -22.25 13.19 -9.05
C ILE A 134 -21.05 13.01 -8.14
N VAL A 135 -21.00 11.86 -7.47
CA VAL A 135 -20.01 11.53 -6.45
C VAL A 135 -18.74 11.22 -7.23
N TYR A 136 -17.61 11.74 -6.76
CA TYR A 136 -16.36 11.79 -7.61
C TYR A 136 -15.37 11.00 -6.82
N SER A 137 -15.02 9.88 -7.45
CA SER A 137 -14.24 8.80 -6.79
C SER A 137 -12.84 8.64 -7.48
N ILE A 138 -11.79 9.14 -6.80
CA ILE A 138 -10.43 9.05 -7.37
C ILE A 138 -9.38 8.50 -6.33
N PRO A 139 -9.47 7.19 -6.06
CA PRO A 139 -8.72 6.63 -4.92
C PRO A 139 -7.20 6.74 -5.06
N PHE A 140 -6.70 6.73 -6.31
CA PHE A 140 -5.24 6.86 -6.49
C PHE A 140 -4.68 8.26 -6.13
N LEU A 141 -5.54 9.30 -6.21
CA LEU A 141 -5.18 10.63 -5.70
C LEU A 141 -5.61 10.85 -4.22
N THR A 142 -6.82 10.39 -3.85
CA THR A 142 -7.39 10.64 -2.51
C THR A 142 -7.01 9.64 -1.36
N GLY A 143 -6.69 8.38 -1.70
CA GLY A 143 -6.58 7.29 -0.70
C GLY A 143 -7.94 6.82 -0.14
N VAL A 144 -9.05 7.33 -0.70
CA VAL A 144 -10.45 7.03 -0.23
C VAL A 144 -11.13 5.92 -1.08
N ASN A 145 -11.52 4.84 -0.38
CA ASN A 145 -12.22 3.67 -0.97
C ASN A 145 -13.66 3.43 -0.39
N ILE A 146 -14.68 3.61 -1.24
CA ILE A 146 -16.10 3.49 -0.84
C ILE A 146 -16.73 2.16 -1.38
N GLY A 147 -17.48 1.43 -0.57
CA GLY A 147 -18.07 0.15 -0.98
C GLY A 147 -19.48 0.23 -1.54
N VAL A 148 -19.98 -0.90 -2.04
CA VAL A 148 -21.36 -0.96 -2.59
C VAL A 148 -22.42 -0.51 -1.57
N GLU A 149 -22.32 -0.98 -0.34
CA GLU A 149 -23.28 -0.57 0.69
C GLU A 149 -23.21 0.90 1.01
N GLN A 150 -22.01 1.45 1.06
CA GLN A 150 -21.83 2.86 1.32
C GLN A 150 -22.38 3.68 0.12
N PHE A 151 -22.17 3.21 -1.11
CA PHE A 151 -22.80 3.89 -2.26
C PHE A 151 -24.32 3.88 -2.13
N GLY A 152 -24.86 2.78 -1.64
CA GLY A 152 -26.31 2.70 -1.33
C GLY A 152 -26.84 3.74 -0.36
N GLU A 153 -26.04 4.06 0.66
CA GLU A 153 -26.38 5.10 1.67
C GLU A 153 -26.35 6.48 1.07
N LEU A 154 -25.32 6.77 0.30
CA LEU A 154 -25.27 7.97 -0.50
C LEU A 154 -26.49 8.11 -1.45
N TYR A 155 -26.91 7.02 -2.08
CA TYR A 155 -27.99 7.09 -3.04
C TYR A 155 -29.37 7.21 -2.40
N LYS A 156 -29.47 7.14 -1.07
CA LYS A 156 -30.74 7.46 -0.38
C LYS A 156 -31.13 8.93 -0.60
N ASN A 157 -30.16 9.78 -0.91
CA ASN A 157 -30.45 11.15 -1.29
C ASN A 157 -30.84 11.11 -2.78
N PRO A 158 -32.12 11.40 -3.14
CA PRO A 158 -32.52 11.22 -4.58
C PRO A 158 -31.87 12.21 -5.56
N LYS A 159 -31.16 13.24 -5.09
CA LYS A 159 -30.45 14.12 -6.00
C LYS A 159 -29.03 13.55 -6.37
N VAL A 160 -28.62 12.45 -5.74
CA VAL A 160 -27.34 11.88 -6.12
C VAL A 160 -27.61 11.01 -7.32
N LEU A 161 -27.00 11.33 -8.47
CA LEU A 161 -27.30 10.68 -9.75
C LEU A 161 -26.46 9.46 -9.93
N GLY A 162 -25.25 9.45 -9.32
CA GLY A 162 -24.35 8.33 -9.56
C GLY A 162 -22.92 8.71 -9.31
N VAL A 163 -21.99 8.07 -10.02
CA VAL A 163 -20.54 8.24 -9.61
C VAL A 163 -19.57 8.40 -10.81
N KPI A 164 -18.57 9.29 -10.73
CA KPI A 164 -17.42 9.32 -11.66
CB KPI A 164 -16.83 10.72 -11.90
CG KPI A 164 -15.54 10.71 -12.76
CD KPI A 164 -14.93 12.12 -12.84
CE KPI A 164 -13.47 12.09 -13.39
NZ KPI A 164 -12.78 13.42 -13.41
CX1 KPI A 164 -11.78 13.83 -14.17
C1 KPI A 164 -11.18 12.92 -15.27
CX2 KPI A 164 -11.25 15.16 -13.86
O1 KPI A 164 -10.26 15.71 -14.45
O2 KPI A 164 -11.78 15.69 -12.84
C KPI A 164 -16.43 8.30 -11.08
O KPI A 164 -15.87 8.51 -9.99
N PHE A 165 -16.26 7.14 -11.74
CA PHE A 165 -15.53 6.02 -11.16
C PHE A 165 -14.06 6.09 -11.63
N THR A 166 -13.11 6.32 -10.72
CA THR A 166 -11.69 6.42 -11.14
C THR A 166 -10.78 5.35 -10.55
N ALA A 167 -11.34 4.38 -9.84
CA ALA A 167 -10.56 3.25 -9.40
C ALA A 167 -10.55 2.23 -10.50
N GLY A 168 -9.56 1.36 -10.50
CA GLY A 168 -9.52 0.38 -11.58
C GLY A 168 -10.10 -0.95 -11.09
N ASP A 169 -11.09 -0.91 -10.19
CA ASP A 169 -11.68 -2.13 -9.59
C ASP A 169 -12.95 -2.52 -10.35
N PHE A 170 -12.80 -3.33 -11.38
CA PHE A 170 -13.90 -3.70 -12.29
C PHE A 170 -14.89 -4.70 -11.65
N TYR A 171 -14.49 -5.25 -10.51
CA TYR A 171 -15.42 -6.11 -9.70
C TYR A 171 -16.41 -5.17 -9.00
N LEU A 172 -15.87 -4.16 -8.30
CA LEU A 172 -16.74 -3.13 -7.73
C LEU A 172 -17.66 -2.46 -8.82
N LEU A 173 -17.08 -2.16 -9.99
CA LEU A 173 -17.87 -1.47 -11.00
C LEU A 173 -19.03 -2.32 -11.37
N GLU A 174 -18.82 -3.63 -11.63
CA GLU A 174 -19.96 -4.54 -11.90
C GLU A 174 -20.99 -4.63 -10.77
N ARG A 175 -20.46 -4.65 -9.51
CA ARG A 175 -21.32 -4.85 -8.35
C ARG A 175 -22.24 -3.63 -8.19
N LEU A 176 -21.69 -2.44 -8.47
CA LEU A 176 -22.47 -1.20 -8.37
C LEU A 176 -23.58 -1.13 -9.43
N LYS A 177 -23.29 -1.59 -10.64
CA LYS A 177 -24.33 -1.60 -11.69
C LYS A 177 -25.38 -2.63 -11.39
N LYS A 178 -24.94 -3.79 -10.86
CA LYS A 178 -25.90 -4.77 -10.45
C LYS A 178 -26.80 -4.21 -9.35
N ALA A 179 -26.22 -3.54 -8.35
CA ALA A 179 -27.05 -3.21 -7.19
C ALA A 179 -27.95 -2.00 -7.49
N TYR A 180 -27.43 -1.01 -8.24
CA TYR A 180 -28.17 0.24 -8.45
C TYR A 180 -28.30 0.54 -9.97
N PRO A 181 -29.07 -0.31 -10.70
CA PRO A 181 -29.08 -0.29 -12.17
C PRO A 181 -29.56 1.06 -12.72
N ASN A 182 -30.39 1.79 -11.99
CA ASN A 182 -30.83 3.11 -12.43
C ASN A 182 -29.87 4.25 -12.13
N HIS A 183 -28.83 4.03 -11.31
CA HIS A 183 -27.86 5.09 -11.08
C HIS A 183 -26.78 5.04 -12.14
N LEU A 184 -26.18 6.19 -12.43
CA LEU A 184 -25.26 6.35 -13.54
C LEU A 184 -23.82 6.12 -13.09
N ILE A 185 -23.01 5.58 -14.02
CA ILE A 185 -21.56 5.51 -13.80
C ILE A 185 -20.87 6.14 -15.00
N TRP A 186 -19.92 7.03 -14.73
CA TRP A 186 -19.01 7.58 -15.80
C TRP A 186 -17.59 7.03 -15.52
N ALA A 187 -16.98 6.45 -16.55
CA ALA A 187 -15.62 5.91 -16.42
C ALA A 187 -14.67 7.09 -16.37
N GLY A 188 -13.65 7.00 -15.53
CA GLY A 188 -12.67 8.12 -15.33
C GLY A 188 -11.27 7.88 -15.92
N PHE A 189 -11.02 6.65 -16.32
CA PHE A 189 -9.73 6.21 -16.84
CA PHE A 189 -9.70 6.29 -16.87
C PHE A 189 -9.85 6.00 -18.36
N ASP A 190 -9.34 6.96 -19.16
CA ASP A 190 -9.49 6.96 -20.63
C ASP A 190 -8.88 5.73 -21.25
N GLU A 191 -7.82 5.21 -20.65
CA GLU A 191 -7.08 4.07 -21.21
C GLU A 191 -7.71 2.73 -20.82
N MET A 192 -8.83 2.77 -20.06
CA MET A 192 -9.59 1.55 -19.77
C MET A 192 -11.08 1.76 -20.18
N MET A 193 -11.30 2.61 -21.16
CA MET A 193 -12.65 2.90 -21.65
C MET A 193 -13.40 1.66 -22.08
N LEU A 194 -12.82 0.90 -23.02
CA LEU A 194 -13.39 -0.31 -23.52
C LEU A 194 -13.87 -1.34 -22.43
N PRO A 195 -12.96 -1.80 -21.53
CA PRO A 195 -13.55 -2.72 -20.53
C PRO A 195 -14.68 -2.08 -19.67
N ALA A 196 -14.57 -0.78 -19.40
CA ALA A 196 -15.60 -0.09 -18.66
C ALA A 196 -16.95 -0.03 -19.40
N ALA A 197 -16.90 0.30 -20.70
CA ALA A 197 -18.13 0.34 -21.55
C ALA A 197 -18.76 -1.06 -21.63
N SER A 198 -17.92 -2.11 -21.59
CA SER A 198 -18.37 -3.51 -21.75
C SER A 198 -19.22 -3.93 -20.55
N LEU A 199 -18.98 -3.24 -19.43
CA LEU A 199 -19.78 -3.45 -18.23
C LEU A 199 -21.01 -2.50 -18.09
N GLY A 200 -21.32 -1.73 -19.14
CA GLY A 200 -22.51 -0.87 -19.14
C GLY A 200 -22.38 0.48 -18.45
N VAL A 201 -21.16 1.06 -18.31
CA VAL A 201 -21.10 2.44 -17.83
C VAL A 201 -21.90 3.37 -18.80
N ASP A 202 -22.40 4.46 -18.28
CA ASP A 202 -23.32 5.31 -19.05
C ASP A 202 -22.55 6.43 -19.80
N GLY A 203 -21.30 6.67 -19.42
CA GLY A 203 -20.51 7.69 -20.10
C GLY A 203 -19.08 7.64 -19.62
N ALA A 204 -18.28 8.63 -20.05
CA ALA A 204 -16.89 8.75 -19.62
C ALA A 204 -16.52 10.22 -19.45
N ILE A 205 -15.71 10.50 -18.44
CA ILE A 205 -15.25 11.83 -18.20
C ILE A 205 -13.72 11.77 -18.28
N GLY A 206 -13.12 12.47 -19.20
CA GLY A 206 -11.64 12.32 -19.39
C GLY A 206 -10.84 13.48 -19.96
N SER A 207 -9.56 13.59 -19.51
CA SER A 207 -8.68 14.63 -19.92
C SER A 207 -8.27 14.47 -21.35
N THR A 208 -8.12 13.23 -21.82
CA THR A 208 -7.55 13.08 -23.19
C THR A 208 -8.59 13.36 -24.27
N PHE A 209 -9.88 13.45 -23.90
CA PHE A 209 -10.92 13.72 -24.91
C PHE A 209 -10.85 15.15 -25.46
N ASN A 210 -10.13 16.03 -24.75
CA ASN A 210 -9.78 17.36 -25.25
C ASN A 210 -9.07 17.32 -26.64
N VAL A 211 -8.32 16.24 -26.93
CA VAL A 211 -7.64 16.12 -28.27
C VAL A 211 -7.97 14.80 -28.98
N ASN A 212 -8.47 13.79 -28.24
CA ASN A 212 -8.76 12.48 -28.84
C ASN A 212 -10.28 12.11 -28.77
N GLY A 213 -11.12 13.14 -28.71
CA GLY A 213 -12.55 12.93 -28.52
C GLY A 213 -13.23 12.13 -29.65
N VAL A 214 -12.64 12.15 -30.83
CA VAL A 214 -13.23 11.40 -31.96
C VAL A 214 -13.10 9.90 -31.70
N ARG A 215 -11.87 9.45 -31.42
CA ARG A 215 -11.63 8.04 -31.11
C ARG A 215 -12.36 7.63 -29.79
N ALA A 216 -12.43 8.52 -28.80
CA ALA A 216 -13.06 8.13 -27.55
C ALA A 216 -14.52 7.80 -27.74
N ARG A 217 -15.23 8.63 -28.53
CA ARG A 217 -16.61 8.34 -28.83
C ARG A 217 -16.70 7.04 -29.67
N GLN A 218 -15.81 6.85 -30.69
CA GLN A 218 -15.81 5.56 -31.42
C GLN A 218 -15.68 4.32 -30.46
N ILE A 219 -14.64 4.30 -29.60
CA ILE A 219 -14.50 3.17 -28.69
C ILE A 219 -15.80 2.93 -27.91
N PHE A 220 -16.36 3.98 -27.33
CA PHE A 220 -17.49 3.87 -26.44
C PHE A 220 -18.75 3.33 -27.18
N GLU A 221 -19.09 3.96 -28.32
CA GLU A 221 -20.29 3.54 -29.06
C GLU A 221 -20.11 2.17 -29.72
N LEU A 222 -18.92 1.90 -30.30
CA LEU A 222 -18.64 0.56 -30.83
C LEU A 222 -18.79 -0.52 -29.76
N THR A 223 -18.22 -0.26 -28.55
CA THR A 223 -18.29 -1.29 -27.50
C THR A 223 -19.73 -1.57 -27.09
N GLN A 224 -20.53 -0.51 -26.91
CA GLN A 224 -21.92 -0.72 -26.57
C GLN A 224 -22.70 -1.42 -27.68
N ALA A 225 -22.27 -1.33 -28.93
CA ALA A 225 -22.95 -2.01 -30.03
C ALA A 225 -22.41 -3.43 -30.15
N GLY A 226 -21.46 -3.84 -29.28
CA GLY A 226 -20.76 -5.13 -29.42
C GLY A 226 -19.72 -5.28 -30.54
N LYS A 227 -19.29 -4.20 -31.22
CA LYS A 227 -18.17 -4.29 -32.19
C LYS A 227 -16.82 -4.26 -31.48
N LEU A 228 -16.49 -5.33 -30.80
CA LEU A 228 -15.31 -5.33 -29.91
C LEU A 228 -14.03 -5.32 -30.69
N LYS A 229 -14.00 -6.01 -31.84
CA LYS A 229 -12.80 -6.14 -32.65
C LYS A 229 -12.34 -4.73 -33.07
N GLU A 230 -13.25 -3.95 -33.64
CA GLU A 230 -12.98 -2.58 -34.00
C GLU A 230 -12.75 -1.65 -32.76
N ALA A 231 -13.56 -1.78 -31.70
CA ALA A 231 -13.33 -0.99 -30.50
C ALA A 231 -11.89 -1.24 -29.98
N LEU A 232 -11.48 -2.47 -29.99
CA LEU A 232 -10.16 -2.77 -29.43
C LEU A 232 -8.98 -2.16 -30.22
N GLU A 233 -9.10 -2.20 -31.56
CA GLU A 233 -8.09 -1.60 -32.43
C GLU A 233 -7.93 -0.14 -32.11
N ILE A 234 -9.06 0.54 -31.91
CA ILE A 234 -9.06 1.97 -31.69
C ILE A 234 -8.55 2.28 -30.24
N GLN A 235 -8.89 1.42 -29.29
CA GLN A 235 -8.33 1.52 -27.96
C GLN A 235 -6.80 1.34 -27.96
N HIS A 236 -6.30 0.38 -28.74
CA HIS A 236 -4.85 0.16 -28.92
C HIS A 236 -4.12 1.44 -29.41
N VAL A 237 -4.67 2.12 -30.44
CA VAL A 237 -4.00 3.33 -30.97
C VAL A 237 -4.11 4.43 -29.91
N THR A 238 -5.31 4.55 -29.32
CA THR A 238 -5.58 5.52 -28.23
C THR A 238 -4.57 5.38 -27.11
N ASN A 239 -4.37 4.15 -26.68
CA ASN A 239 -3.40 3.91 -25.64
C ASN A 239 -1.93 4.07 -26.07
N ASP A 240 -1.61 3.97 -27.37
CA ASP A 240 -0.27 4.39 -27.81
C ASP A 240 -0.16 5.89 -27.57
N LEU A 241 -1.19 6.64 -27.95
CA LEU A 241 -1.18 8.06 -27.73
C LEU A 241 -1.11 8.38 -26.20
N ILE A 242 -1.96 7.74 -25.39
CA ILE A 242 -2.01 8.03 -23.97
C ILE A 242 -0.70 7.67 -23.27
N GLU A 243 -0.12 6.53 -23.60
CA GLU A 243 1.20 6.15 -23.06
C GLU A 243 2.23 7.26 -23.32
N GLY A 244 2.28 7.75 -24.55
CA GLY A 244 3.16 8.84 -24.90
C GLY A 244 2.87 10.13 -24.12
N ILE A 245 1.61 10.48 -24.01
CA ILE A 245 1.21 11.66 -23.25
C ILE A 245 1.64 11.52 -21.78
N LEU A 246 1.38 10.37 -21.16
CA LEU A 246 1.80 10.16 -19.76
C LEU A 246 3.31 10.29 -19.57
N ALA A 247 4.06 9.70 -20.48
CA ALA A 247 5.50 9.71 -20.37
C ALA A 247 6.05 11.14 -20.54
N ASN A 248 5.40 11.96 -21.37
CA ASN A 248 5.92 13.32 -21.68
C ASN A 248 5.45 14.39 -20.71
N GLY A 249 4.42 14.08 -19.92
CA GLY A 249 3.85 15.03 -18.95
C GLY A 249 2.41 15.28 -19.41
N LEU A 250 1.45 14.77 -18.62
CA LEU A 250 0.04 14.68 -19.00
C LEU A 250 -0.59 16.01 -19.43
N TYR A 251 -0.67 16.94 -18.50
CA TYR A 251 -1.41 18.15 -18.81
C TYR A 251 -0.71 19.02 -19.88
N LEU A 252 0.60 19.13 -19.77
CA LEU A 252 1.37 19.97 -20.67
C LEU A 252 1.30 19.40 -22.09
N THR A 253 1.28 18.07 -22.23
CA THR A 253 1.32 17.44 -23.55
C THR A 253 -0.04 17.56 -24.26
N ILE A 254 -1.13 17.38 -23.51
CA ILE A 254 -2.46 17.72 -24.03
C ILE A 254 -2.54 19.16 -24.52
N LYS A 255 -2.02 20.11 -23.72
CA LYS A 255 -2.03 21.51 -24.13
C LYS A 255 -1.15 21.76 -25.37
N GLU A 256 0.00 21.11 -25.44
CA GLU A 256 0.80 21.13 -26.64
C GLU A 256 0.05 20.62 -27.87
N LEU A 257 -0.72 19.57 -27.70
CA LEU A 257 -1.47 18.97 -28.78
C LEU A 257 -2.61 19.88 -29.26
N LEU A 258 -3.26 20.59 -28.31
CA LEU A 258 -4.22 21.63 -28.66
C LEU A 258 -3.53 22.76 -29.45
N LYS A 259 -2.33 23.17 -28.99
CA LYS A 259 -1.62 24.32 -29.61
C LYS A 259 -1.32 24.00 -31.04
N LEU A 260 -0.95 22.76 -31.31
CA LEU A 260 -0.64 22.36 -32.66
C LEU A 260 -1.85 22.47 -33.65
N ASP A 261 -3.06 22.54 -33.10
CA ASP A 261 -4.28 22.76 -33.89
C ASP A 261 -4.78 24.16 -33.74
N GLY A 262 -3.92 25.10 -33.33
CA GLY A 262 -4.29 26.52 -33.22
C GLY A 262 -5.11 26.92 -32.00
N VAL A 263 -5.21 26.05 -31.02
CA VAL A 263 -5.87 26.43 -29.76
C VAL A 263 -4.82 27.00 -28.80
N GLU A 264 -5.05 28.19 -28.31
CA GLU A 264 -4.14 28.84 -27.37
C GLU A 264 -4.26 28.30 -25.94
N ALA A 265 -3.77 27.09 -25.73
CA ALA A 265 -4.05 26.34 -24.51
C ALA A 265 -3.18 26.79 -23.34
N GLY A 266 -2.21 27.65 -23.62
CA GLY A 266 -1.38 28.34 -22.62
C GLY A 266 -0.42 27.47 -21.81
N TYR A 267 0.01 28.01 -20.68
CA TYR A 267 0.90 27.37 -19.73
C TYR A 267 0.09 26.47 -18.73
N CYS A 268 0.81 25.63 -17.96
CA CYS A 268 0.20 25.01 -16.77
C CYS A 268 0.48 25.92 -15.58
N ARG A 269 -0.19 25.64 -14.46
CA ARG A 269 -0.14 26.49 -13.28
C ARG A 269 0.87 25.92 -12.28
N GLU A 270 1.85 26.72 -11.84
CA GLU A 270 2.67 26.36 -10.68
C GLU A 270 1.79 25.99 -9.45
N PRO A 271 2.20 24.98 -8.64
CA PRO A 271 3.51 24.30 -8.64
C PRO A 271 3.74 23.15 -9.65
N MET A 272 2.79 22.91 -10.56
N MET A 272 2.80 22.91 -10.57
CA MET A 272 3.11 22.09 -11.73
CA MET A 272 3.12 22.11 -11.75
C MET A 272 4.17 22.82 -12.59
C MET A 272 4.19 22.83 -12.57
N THR A 273 5.01 22.07 -13.28
CA THR A 273 5.93 22.63 -14.32
C THR A 273 5.10 23.41 -15.35
N LYS A 274 5.47 24.66 -15.58
CA LYS A 274 4.64 25.48 -16.44
C LYS A 274 4.73 25.33 -17.94
N GLU A 275 5.86 24.86 -18.44
CA GLU A 275 5.99 24.63 -19.87
C GLU A 275 6.94 23.47 -20.16
N LEU A 276 6.77 22.87 -21.36
CA LEU A 276 7.56 21.73 -21.79
C LEU A 276 8.94 22.21 -22.18
N SER A 277 9.96 21.38 -21.91
CA SER A 277 11.29 21.61 -22.48
C SER A 277 11.21 21.42 -24.00
N SER A 278 12.21 21.94 -24.71
CA SER A 278 12.14 21.76 -26.16
C SER A 278 12.17 20.33 -26.70
N GLU A 279 12.91 19.42 -26.07
CA GLU A 279 12.80 18.04 -26.53
C GLU A 279 11.45 17.41 -26.27
N LYS A 280 10.76 17.86 -25.22
CA LYS A 280 9.44 17.37 -24.91
C LYS A 280 8.42 17.97 -25.88
N VAL A 281 8.70 19.14 -26.41
CA VAL A 281 7.86 19.74 -27.44
C VAL A 281 8.02 18.92 -28.74
N ALA A 282 9.26 18.54 -29.05
CA ALA A 282 9.56 17.72 -30.24
C ALA A 282 8.85 16.37 -30.10
N PHE A 283 8.89 15.80 -28.89
CA PHE A 283 8.17 14.55 -28.60
C PHE A 283 6.67 14.66 -28.81
N ALA A 284 6.06 15.73 -28.30
CA ALA A 284 4.65 16.01 -28.54
C ALA A 284 4.27 16.18 -30.04
N LYS A 285 5.13 16.86 -30.81
CA LYS A 285 4.99 16.90 -32.26
C LYS A 285 4.95 15.51 -32.89
N GLU A 286 5.81 14.59 -32.44
CA GLU A 286 5.78 13.23 -32.97
C GLU A 286 4.43 12.53 -32.70
N LEU A 287 3.93 12.67 -31.46
CA LEU A 287 2.63 12.08 -31.09
C LEU A 287 1.58 12.68 -32.04
N LYS A 288 1.67 13.98 -32.24
CA LYS A 288 0.76 14.66 -33.15
C LYS A 288 0.80 14.04 -34.56
N ALA A 289 2.01 13.87 -35.11
CA ALA A 289 2.21 13.36 -36.48
C ALA A 289 1.70 11.89 -36.54
N LYS A 290 2.06 11.07 -35.53
CA LYS A 290 1.65 9.66 -35.53
C LYS A 290 0.16 9.41 -35.26
N TYR A 291 -0.46 10.16 -34.35
CA TYR A 291 -1.78 9.79 -33.88
C TYR A 291 -2.88 10.77 -34.15
N LEU A 292 -2.56 12.03 -34.43
CA LEU A 292 -3.62 13.05 -34.54
C LEU A 292 -3.48 13.92 -35.80
N SER A 293 -3.01 13.31 -36.88
CA SER A 293 -2.93 14.02 -38.18
C SER A 293 -3.79 13.39 -39.24
N LYS B 2 -1.30 -29.40 -28.55
CA LYS B 2 -2.63 -29.27 -27.88
C LYS B 2 -2.99 -27.80 -27.56
N ASN B 3 -4.25 -27.44 -27.76
CA ASN B 3 -4.69 -26.05 -27.75
C ASN B 3 -4.92 -25.64 -26.31
N LEU B 4 -4.33 -24.52 -25.91
CA LEU B 4 -4.38 -24.12 -24.50
C LEU B 4 -5.26 -22.92 -24.28
N LYS B 5 -6.03 -22.52 -25.30
CA LYS B 5 -7.03 -21.47 -25.17
C LYS B 5 -8.30 -21.93 -24.47
N GLY B 6 -9.07 -21.00 -23.92
CA GLY B 6 -10.38 -21.38 -23.43
C GLY B 6 -10.40 -21.47 -21.91
N ILE B 7 -11.28 -22.35 -21.43
CA ILE B 7 -11.72 -22.40 -20.04
C ILE B 7 -11.01 -23.47 -19.22
N PHE B 8 -10.21 -23.07 -18.21
CA PHE B 8 -9.50 -24.02 -17.32
C PHE B 8 -9.95 -23.86 -15.85
N SER B 9 -10.45 -24.94 -15.21
CA SER B 9 -10.67 -24.91 -13.78
C SER B 9 -9.30 -25.06 -13.05
N ALA B 10 -9.05 -24.22 -12.08
CA ALA B 10 -7.90 -24.44 -11.19
C ALA B 10 -8.43 -25.53 -10.23
N LEU B 11 -7.82 -26.71 -10.29
CA LEU B 11 -8.37 -27.93 -9.74
C LEU B 11 -8.29 -27.94 -8.21
N LEU B 12 -9.45 -28.21 -7.59
CA LEU B 12 -9.51 -28.33 -6.12
C LEU B 12 -9.06 -29.72 -5.79
N VAL B 13 -8.58 -29.93 -4.55
CA VAL B 13 -8.08 -31.23 -4.12
C VAL B 13 -8.89 -31.65 -2.89
N SER B 14 -9.30 -32.94 -2.92
CA SER B 14 -10.04 -33.56 -1.87
C SER B 14 -9.08 -34.04 -0.72
N PHE B 15 -9.25 -33.52 0.48
CA PHE B 15 -8.42 -33.98 1.62
C PHE B 15 -9.25 -34.75 2.63
N ASN B 16 -8.61 -35.71 3.33
CA ASN B 16 -9.21 -36.41 4.45
C ASN B 16 -9.09 -35.52 5.72
N ALA B 17 -9.75 -35.94 6.80
CA ALA B 17 -9.70 -35.19 8.07
C ALA B 17 -8.28 -34.98 8.67
N ASP B 18 -7.36 -35.89 8.39
CA ASP B 18 -5.94 -35.74 8.81
C ASP B 18 -5.06 -35.02 7.78
N GLY B 19 -5.66 -34.52 6.68
CA GLY B 19 -4.88 -33.76 5.73
C GLY B 19 -4.28 -34.52 4.57
N SER B 20 -4.35 -35.84 4.64
CA SER B 20 -3.89 -36.68 3.54
C SER B 20 -4.80 -36.49 2.33
N ILE B 21 -4.27 -36.73 1.11
N ILE B 21 -4.25 -36.69 1.12
CA ILE B 21 -5.07 -36.62 -0.12
CA ILE B 21 -5.03 -36.61 -0.11
C ILE B 21 -6.07 -37.75 -0.22
C ILE B 21 -6.12 -37.71 -0.04
N ASN B 22 -7.33 -37.43 -0.52
CA ASN B 22 -8.32 -38.51 -0.73
C ASN B 22 -8.39 -38.76 -2.23
N GLU B 23 -7.78 -39.85 -2.71
CA GLU B 23 -7.63 -40.11 -4.14
C GLU B 23 -8.97 -40.25 -4.85
N LYS B 24 -9.88 -41.01 -4.24
CA LYS B 24 -11.22 -41.19 -4.79
C LYS B 24 -11.93 -39.86 -5.00
N GLY B 25 -11.82 -38.97 -4.00
CA GLY B 25 -12.43 -37.67 -4.08
C GLY B 25 -11.79 -36.79 -5.16
N LEU B 26 -10.44 -36.71 -5.18
CA LEU B 26 -9.71 -36.01 -6.25
C LEU B 26 -10.17 -36.47 -7.64
N ARG B 27 -10.36 -37.76 -7.81
CA ARG B 27 -10.80 -38.30 -9.10
C ARG B 27 -12.23 -37.82 -9.45
N GLN B 28 -13.14 -37.81 -8.45
CA GLN B 28 -14.49 -37.27 -8.65
C GLN B 28 -14.53 -35.80 -9.05
N ILE B 29 -13.69 -34.98 -8.43
CA ILE B 29 -13.53 -33.61 -8.82
C ILE B 29 -13.00 -33.54 -10.27
N VAL B 30 -11.96 -34.28 -10.60
CA VAL B 30 -11.48 -34.25 -12.00
C VAL B 30 -12.61 -34.57 -13.01
N ARG B 31 -13.30 -35.70 -12.72
CA ARG B 31 -14.38 -36.20 -13.59
C ARG B 31 -15.49 -35.19 -13.72
N TYR B 32 -15.87 -34.59 -12.59
CA TYR B 32 -16.93 -33.58 -12.63
C TYR B 32 -16.55 -32.33 -13.51
N ASN B 33 -15.30 -31.91 -13.46
CA ASN B 33 -14.89 -30.78 -14.28
C ASN B 33 -14.95 -31.16 -15.76
N ILE B 34 -14.43 -32.35 -16.09
CA ILE B 34 -14.45 -32.79 -17.52
C ILE B 34 -15.87 -33.04 -18.05
N ASP B 35 -16.67 -33.83 -17.31
CA ASP B 35 -17.97 -34.28 -17.82
C ASP B 35 -19.11 -33.32 -17.62
N LYS B 36 -19.10 -32.58 -16.50
CA LYS B 36 -20.24 -31.73 -16.14
C LYS B 36 -19.94 -30.23 -16.34
N MET B 37 -18.75 -29.79 -15.97
CA MET B 37 -18.39 -28.38 -16.19
C MET B 37 -17.98 -28.15 -17.64
N LYS B 38 -17.62 -29.22 -18.35
CA LYS B 38 -17.18 -29.16 -19.75
C LYS B 38 -16.04 -28.18 -20.00
N VAL B 39 -15.00 -28.27 -19.18
CA VAL B 39 -13.87 -27.33 -19.26
C VAL B 39 -12.97 -27.71 -20.42
N ASP B 40 -12.23 -26.75 -21.02
CA ASP B 40 -11.17 -27.11 -22.00
C ASP B 40 -9.93 -27.75 -21.33
N GLY B 41 -9.67 -27.41 -20.08
CA GLY B 41 -8.54 -28.07 -19.41
C GLY B 41 -8.54 -27.85 -17.91
N LEU B 42 -7.53 -28.42 -17.24
CA LEU B 42 -7.31 -28.19 -15.82
C LEU B 42 -5.94 -27.61 -15.58
N TYR B 43 -5.87 -26.79 -14.54
CA TYR B 43 -4.66 -26.14 -14.10
C TYR B 43 -4.42 -26.72 -12.73
N VAL B 44 -3.36 -27.53 -12.62
CA VAL B 44 -3.17 -28.42 -11.49
C VAL B 44 -1.99 -27.95 -10.64
N GLY B 45 -2.16 -27.98 -9.31
CA GLY B 45 -1.12 -27.52 -8.37
C GLY B 45 -1.02 -25.99 -8.19
N GLY B 46 -2.12 -25.30 -8.50
CA GLY B 46 -2.23 -23.85 -8.28
C GLY B 46 -2.69 -23.49 -6.86
N SER B 47 -2.85 -22.19 -6.62
CA SER B 47 -3.32 -21.68 -5.31
C SER B 47 -4.60 -22.45 -4.91
N THR B 48 -5.55 -22.60 -5.86
CA THR B 48 -6.84 -23.23 -5.60
C THR B 48 -6.69 -24.67 -5.16
N GLY B 49 -5.65 -25.35 -5.64
CA GLY B 49 -5.46 -26.73 -5.19
C GLY B 49 -4.76 -26.84 -3.83
N GLU B 50 -4.69 -25.76 -3.10
CA GLU B 50 -4.03 -25.74 -1.75
C GLU B 50 -2.54 -26.21 -1.78
N ASN B 51 -1.99 -26.09 -2.98
CA ASN B 51 -0.62 -26.52 -3.30
C ASN B 51 0.41 -26.13 -2.28
N PHE B 52 0.39 -24.86 -1.85
CA PHE B 52 1.51 -24.32 -1.12
C PHE B 52 1.47 -24.75 0.33
N MET B 53 0.43 -25.50 0.72
CA MET B 53 0.36 -26.12 2.07
C MET B 53 0.85 -27.57 2.15
N LEU B 54 1.30 -28.09 1.01
CA LEU B 54 1.66 -29.52 0.81
C LEU B 54 3.15 -29.84 0.64
N SER B 55 3.50 -31.08 0.90
CA SER B 55 4.88 -31.53 0.73
C SER B 55 5.12 -31.81 -0.77
N THR B 56 6.39 -31.97 -1.13
CA THR B 56 6.75 -32.29 -2.53
C THR B 56 6.06 -33.56 -2.99
N GLU B 57 6.05 -34.57 -2.12
CA GLU B 57 5.48 -35.87 -2.43
C GLU B 57 3.98 -35.76 -2.70
N GLU B 58 3.27 -35.01 -1.87
CA GLU B 58 1.83 -34.80 -2.08
C GLU B 58 1.50 -34.11 -3.40
N LYS B 59 2.35 -33.17 -3.80
CA LYS B 59 2.23 -32.43 -5.07
C LYS B 59 2.39 -33.39 -6.21
N LYS B 60 3.45 -34.20 -6.16
CA LYS B 60 3.66 -35.26 -7.15
C LYS B 60 2.45 -36.20 -7.26
N GLU B 61 1.97 -36.67 -6.09
CA GLU B 61 0.82 -37.54 -6.01
C GLU B 61 -0.39 -36.92 -6.76
N ILE B 62 -0.71 -35.64 -6.46
CA ILE B 62 -1.77 -34.90 -7.19
C ILE B 62 -1.54 -34.83 -8.71
N PHE B 63 -0.34 -34.47 -9.14
CA PHE B 63 -0.09 -34.45 -10.60
C PHE B 63 -0.39 -35.80 -11.28
N ARG B 64 0.01 -36.88 -10.61
CA ARG B 64 -0.10 -38.24 -11.12
C ARG B 64 -1.55 -38.67 -11.18
N ILE B 65 -2.27 -38.47 -10.07
CA ILE B 65 -3.69 -38.77 -10.07
C ILE B 65 -4.50 -37.99 -11.09
N ALA B 66 -4.25 -36.68 -11.21
CA ALA B 66 -5.07 -35.84 -12.10
C ALA B 66 -4.84 -36.26 -13.52
N LYS B 67 -3.58 -36.56 -13.86
CA LYS B 67 -3.23 -36.91 -15.26
C LYS B 67 -3.81 -38.31 -15.63
N ASP B 68 -3.65 -39.26 -14.72
CA ASP B 68 -4.25 -40.57 -14.81
C ASP B 68 -5.74 -40.55 -15.04
N GLU B 69 -6.43 -39.65 -14.34
CA GLU B 69 -7.87 -39.65 -14.42
C GLU B 69 -8.34 -38.93 -15.70
N ALA B 70 -7.67 -37.81 -15.98
CA ALA B 70 -7.98 -37.02 -17.18
C ALA B 70 -7.57 -37.67 -18.49
N LYS B 71 -6.44 -38.38 -18.46
CA LYS B 71 -5.80 -38.95 -19.66
C LYS B 71 -5.55 -37.88 -20.72
N ASP B 72 -6.09 -38.08 -21.92
CA ASP B 72 -5.93 -37.14 -23.00
C ASP B 72 -7.22 -36.46 -23.42
N GLU B 73 -8.24 -36.48 -22.57
CA GLU B 73 -9.51 -35.85 -22.97
C GLU B 73 -9.46 -34.32 -23.00
N ILE B 74 -8.57 -33.75 -22.19
CA ILE B 74 -8.46 -32.30 -22.04
C ILE B 74 -6.99 -31.88 -22.00
N ALA B 75 -6.76 -30.57 -22.08
CA ALA B 75 -5.46 -29.98 -21.84
C ALA B 75 -5.15 -29.91 -20.30
N LEU B 76 -3.89 -30.08 -19.95
CA LEU B 76 -3.49 -30.01 -18.57
C LEU B 76 -2.27 -29.13 -18.40
N ILE B 77 -2.36 -28.22 -17.46
CA ILE B 77 -1.26 -27.31 -17.17
C ILE B 77 -0.81 -27.61 -15.74
N ALA B 78 0.50 -27.72 -15.54
CA ALA B 78 1.01 -27.99 -14.17
C ALA B 78 1.74 -26.78 -13.57
N GLN B 79 1.24 -26.33 -12.45
CA GLN B 79 1.87 -25.23 -11.72
C GLN B 79 2.92 -25.85 -10.80
N VAL B 80 4.17 -25.44 -10.96
CA VAL B 80 5.29 -26.12 -10.28
C VAL B 80 6.19 -25.13 -9.54
N GLY B 81 5.82 -23.85 -9.56
CA GLY B 81 6.56 -22.78 -8.89
C GLY B 81 6.66 -22.92 -7.38
N SER B 82 7.65 -22.26 -6.84
CA SER B 82 8.00 -22.45 -5.45
C SER B 82 9.06 -21.42 -5.09
N VAL B 83 9.25 -21.14 -3.78
CA VAL B 83 10.39 -20.30 -3.38
C VAL B 83 11.68 -21.14 -3.60
N ASN B 84 11.53 -22.48 -3.55
CA ASN B 84 12.63 -23.44 -3.79
C ASN B 84 12.72 -23.83 -5.28
N LEU B 85 13.73 -23.32 -5.96
CA LEU B 85 13.88 -23.54 -7.41
C LEU B 85 14.17 -25.01 -7.68
N GLN B 86 14.94 -25.66 -6.81
CA GLN B 86 15.21 -27.10 -6.91
C GLN B 86 13.94 -27.95 -6.83
N GLU B 87 13.00 -27.59 -5.98
CA GLU B 87 11.73 -28.30 -5.92
C GLU B 87 10.99 -27.98 -7.24
N ALA B 88 11.08 -26.73 -7.69
CA ALA B 88 10.37 -26.35 -8.92
C ALA B 88 10.84 -27.18 -10.10
N ILE B 89 12.14 -27.33 -10.24
CA ILE B 89 12.74 -28.15 -11.30
C ILE B 89 12.34 -29.63 -11.16
N GLU B 90 12.34 -30.15 -9.91
CA GLU B 90 11.91 -31.54 -9.70
C GLU B 90 10.45 -31.77 -10.12
N LEU B 91 9.57 -30.86 -9.73
CA LEU B 91 8.17 -30.99 -10.03
C LEU B 91 7.94 -30.78 -11.52
N GLY B 92 8.65 -29.80 -12.08
CA GLY B 92 8.57 -29.50 -13.53
C GLY B 92 8.99 -30.74 -14.35
N LYS B 93 10.10 -31.36 -14.02
CA LYS B 93 10.52 -32.60 -14.70
C LYS B 93 9.49 -33.74 -14.54
N TYR B 94 9.00 -33.94 -13.31
CA TYR B 94 7.97 -34.96 -13.09
C TYR B 94 6.67 -34.73 -13.94
N ALA B 95 6.13 -33.52 -13.90
CA ALA B 95 4.94 -33.19 -14.65
C ALA B 95 5.17 -33.29 -16.13
N THR B 96 6.34 -32.88 -16.59
CA THR B 96 6.69 -33.01 -18.02
C THR B 96 6.70 -34.50 -18.44
N GLU B 97 7.36 -35.33 -17.64
CA GLU B 97 7.37 -36.77 -17.85
C GLU B 97 5.97 -37.36 -17.86
N LEU B 98 5.08 -36.86 -17.01
CA LEU B 98 3.68 -37.29 -17.01
C LEU B 98 2.92 -36.83 -18.26
N GLY B 99 3.46 -35.84 -18.98
CA GLY B 99 2.78 -35.42 -20.25
C GLY B 99 1.89 -34.20 -20.14
N TYR B 100 2.05 -33.41 -19.09
CA TYR B 100 1.36 -32.11 -18.97
C TYR B 100 1.71 -31.21 -20.18
N ASP B 101 0.73 -30.49 -20.72
CA ASP B 101 0.94 -29.74 -22.00
C ASP B 101 1.77 -28.46 -21.81
N SER B 102 1.74 -27.93 -20.60
CA SER B 102 2.63 -26.84 -20.26
C SER B 102 2.91 -26.85 -18.78
N LEU B 103 4.01 -26.18 -18.41
CA LEU B 103 4.18 -25.86 -16.99
C LEU B 103 3.66 -24.44 -16.79
N SER B 104 3.61 -24.09 -15.52
CA SER B 104 3.33 -22.74 -15.11
C SER B 104 4.08 -22.58 -13.78
N ALA B 105 4.54 -21.38 -13.46
CA ALA B 105 5.19 -21.17 -12.15
C ALA B 105 4.92 -19.75 -11.70
N VAL B 106 4.43 -19.68 -10.45
CA VAL B 106 4.27 -18.42 -9.72
C VAL B 106 5.66 -17.76 -9.66
N THR B 107 5.71 -16.42 -9.67
CA THR B 107 6.97 -15.71 -9.47
C THR B 107 7.49 -16.10 -8.04
N PRO B 108 8.81 -16.28 -7.88
CA PRO B 108 9.25 -16.64 -6.53
C PRO B 108 8.85 -15.56 -5.49
N PHE B 109 8.41 -15.97 -4.32
CA PHE B 109 7.87 -15.01 -3.34
C PHE B 109 8.57 -15.02 -1.98
N TYR B 110 7.94 -14.37 -0.98
CA TYR B 110 8.52 -14.23 0.38
C TYR B 110 9.74 -13.26 0.33
N TYR B 111 10.85 -13.67 -0.27
CA TYR B 111 12.02 -12.75 -0.41
C TYR B 111 11.66 -11.78 -1.51
N LYS B 112 12.28 -10.62 -1.49
CA LYS B 112 12.11 -9.67 -2.61
C LYS B 112 13.16 -9.94 -3.69
N PHE B 113 12.86 -10.78 -4.66
CA PHE B 113 13.80 -11.08 -5.77
C PHE B 113 13.83 -9.95 -6.79
N SER B 114 15.00 -9.74 -7.39
CA SER B 114 15.14 -8.81 -8.49
C SER B 114 14.56 -9.39 -9.76
N PHE B 115 14.32 -8.54 -10.76
CA PHE B 115 13.83 -9.09 -12.01
C PHE B 115 14.83 -10.07 -12.68
N PRO B 116 16.14 -9.73 -12.70
CA PRO B 116 16.99 -10.75 -13.36
C PRO B 116 16.96 -12.12 -12.63
N GLU B 117 16.79 -12.11 -11.31
CA GLU B 117 16.61 -13.36 -10.58
C GLU B 117 15.35 -14.08 -11.01
N ILE B 118 14.23 -13.36 -11.12
CA ILE B 118 12.97 -13.93 -11.59
C ILE B 118 13.14 -14.52 -13.01
N LYS B 119 13.78 -13.80 -13.90
CA LYS B 119 13.98 -14.31 -15.25
C LYS B 119 14.84 -15.58 -15.23
N HIS B 120 15.91 -15.56 -14.43
CA HIS B 120 16.79 -16.72 -14.39
C HIS B 120 16.01 -17.95 -13.86
N TYR B 121 15.15 -17.72 -12.87
CA TYR B 121 14.23 -18.78 -12.34
C TYR B 121 13.36 -19.42 -13.44
N TYR B 122 12.64 -18.62 -14.21
CA TYR B 122 11.92 -19.17 -15.30
C TYR B 122 12.83 -19.86 -16.30
N ASP B 123 13.98 -19.26 -16.62
CA ASP B 123 14.84 -19.87 -17.62
C ASP B 123 15.39 -21.20 -17.20
N SER B 124 15.67 -21.35 -15.92
CA SER B 124 16.20 -22.57 -15.35
C SER B 124 15.19 -23.65 -15.40
N ILE B 125 13.94 -23.31 -15.07
CA ILE B 125 12.93 -24.36 -15.06
C ILE B 125 12.73 -24.87 -16.48
N ILE B 126 12.62 -23.92 -17.43
CA ILE B 126 12.48 -24.27 -18.85
C ILE B 126 13.65 -25.14 -19.37
N GLU B 127 14.87 -24.73 -19.06
CA GLU B 127 16.04 -25.47 -19.51
C GLU B 127 16.08 -26.88 -18.91
N ALA B 128 15.71 -27.01 -17.64
CA ALA B 128 15.82 -28.35 -17.01
C ALA B 128 14.70 -29.29 -17.45
N THR B 129 13.61 -28.75 -17.97
CA THR B 129 12.47 -29.58 -18.30
C THR B 129 12.26 -29.70 -19.81
N GLY B 130 12.68 -28.71 -20.61
CA GLY B 130 12.27 -28.70 -22.03
C GLY B 130 10.81 -28.31 -22.28
N ASN B 131 10.03 -28.05 -21.24
CA ASN B 131 8.62 -27.79 -21.44
C ASN B 131 8.28 -26.29 -21.67
N TYR B 132 7.12 -26.02 -22.26
CA TYR B 132 6.45 -24.71 -22.20
C TYR B 132 6.22 -24.19 -20.76
N MET B 133 6.13 -22.87 -20.66
CA MET B 133 6.02 -22.14 -19.40
C MET B 133 4.98 -21.02 -19.53
N ILE B 134 4.09 -20.99 -18.56
CA ILE B 134 3.16 -19.91 -18.42
C ILE B 134 3.54 -19.16 -17.15
N VAL B 135 3.84 -17.86 -17.30
CA VAL B 135 4.27 -17.00 -16.20
C VAL B 135 3.04 -16.68 -15.36
N TYR B 136 3.15 -16.83 -14.05
CA TYR B 136 1.91 -16.85 -13.18
C TYR B 136 2.06 -15.66 -12.33
N SER B 137 1.15 -14.73 -12.58
CA SER B 137 1.20 -13.34 -12.03
C SER B 137 0.03 -13.11 -11.03
N ILE B 138 0.35 -13.15 -9.70
CA ILE B 138 -0.70 -12.94 -8.67
C ILE B 138 -0.27 -11.88 -7.62
N PRO B 139 -0.32 -10.57 -8.03
CA PRO B 139 0.31 -9.53 -7.20
C PRO B 139 -0.35 -9.37 -5.83
N PHE B 140 -1.66 -9.65 -5.73
CA PHE B 140 -2.36 -9.48 -4.43
C PHE B 140 -1.94 -10.52 -3.35
N LEU B 141 -1.46 -11.68 -3.79
CA LEU B 141 -0.84 -12.67 -2.89
C LEU B 141 0.71 -12.49 -2.76
N THR B 142 1.37 -12.15 -3.88
CA THR B 142 2.86 -12.09 -3.95
C THR B 142 3.51 -10.72 -3.58
N GLY B 143 2.79 -9.61 -3.78
CA GLY B 143 3.42 -8.28 -3.81
C GLY B 143 4.36 -8.01 -5.00
N VAL B 144 4.41 -8.93 -5.96
CA VAL B 144 5.26 -8.83 -7.19
C VAL B 144 4.52 -8.21 -8.44
N ASN B 145 5.07 -7.09 -8.97
CA ASN B 145 4.54 -6.35 -10.13
C ASN B 145 5.52 -6.25 -11.33
N ILE B 146 5.23 -6.95 -12.43
CA ILE B 146 6.11 -7.01 -13.63
C ILE B 146 5.54 -6.10 -14.77
N GLY B 147 6.36 -5.28 -15.42
CA GLY B 147 5.81 -4.39 -16.49
C GLY B 147 5.95 -4.93 -17.89
N VAL B 148 5.41 -4.20 -18.87
CA VAL B 148 5.46 -4.60 -20.29
C VAL B 148 6.89 -4.90 -20.78
N GLU B 149 7.87 -4.03 -20.48
CA GLU B 149 9.23 -4.32 -20.92
C GLU B 149 9.85 -5.57 -20.28
N GLN B 150 9.49 -5.83 -19.04
CA GLN B 150 10.01 -6.97 -18.32
C GLN B 150 9.34 -8.25 -18.88
N PHE B 151 8.06 -8.18 -19.25
CA PHE B 151 7.39 -9.30 -19.90
C PHE B 151 8.06 -9.58 -21.25
N GLY B 152 8.48 -8.54 -21.98
CA GLY B 152 9.23 -8.76 -23.21
C GLY B 152 10.57 -9.49 -23.04
N GLU B 153 11.26 -9.21 -21.94
CA GLU B 153 12.52 -9.92 -21.61
C GLU B 153 12.25 -11.37 -21.31
N LEU B 154 11.19 -11.66 -20.57
CA LEU B 154 10.78 -13.03 -20.31
C LEU B 154 10.46 -13.77 -21.63
N TYR B 155 9.78 -13.07 -22.56
CA TYR B 155 9.33 -13.64 -23.80
C TYR B 155 10.46 -13.83 -24.84
N LYS B 156 11.68 -13.40 -24.53
CA LYS B 156 12.85 -13.74 -25.37
C LYS B 156 13.12 -15.25 -25.33
N ASN B 157 12.68 -15.90 -24.25
CA ASN B 157 12.71 -17.38 -24.20
C ASN B 157 11.51 -17.88 -25.00
N PRO B 158 11.75 -18.57 -26.16
CA PRO B 158 10.60 -18.97 -26.99
C PRO B 158 9.67 -20.01 -26.35
N LYS B 159 10.09 -20.64 -25.26
CA LYS B 159 9.23 -21.58 -24.61
C LYS B 159 8.21 -20.90 -23.67
N VAL B 160 8.29 -19.59 -23.46
CA VAL B 160 7.32 -18.89 -22.57
C VAL B 160 6.14 -18.50 -23.44
N LEU B 161 4.94 -19.06 -23.17
CA LEU B 161 3.78 -18.94 -24.00
C LEU B 161 3.03 -17.68 -23.72
N GLY B 162 3.16 -17.18 -22.48
CA GLY B 162 2.34 -16.02 -22.07
C GLY B 162 2.10 -16.05 -20.58
N VAL B 163 0.99 -15.48 -20.12
CA VAL B 163 0.87 -15.13 -18.66
C VAL B 163 -0.56 -15.42 -18.07
N KPI B 164 -0.67 -16.03 -16.87
CA KPI B 164 -1.94 -16.13 -16.12
CB KPI B 164 -2.05 -17.35 -15.18
CG KPI B 164 -3.35 -17.41 -14.36
CD KPI B 164 -3.34 -18.60 -13.38
CE KPI B 164 -4.45 -18.50 -12.31
NZ KPI B 164 -4.36 -19.53 -11.22
CX1 KPI B 164 -5.31 -19.83 -10.37
C1 KPI B 164 -6.68 -19.18 -10.48
CX2 KPI B 164 -4.96 -20.81 -9.29
O1 KPI B 164 -5.78 -21.19 -8.42
O2 KPI B 164 -3.75 -21.15 -9.23
C KPI B 164 -2.00 -14.78 -15.44
O KPI B 164 -1.21 -14.53 -14.51
N PHE B 165 -2.92 -13.86 -15.85
CA PHE B 165 -2.96 -12.48 -15.35
C PHE B 165 -3.89 -12.41 -14.13
N THR B 166 -3.40 -12.06 -12.96
CA THR B 166 -4.29 -12.00 -11.77
C THR B 166 -4.32 -10.60 -11.11
N ALA B 167 -3.63 -9.63 -11.68
CA ALA B 167 -3.78 -8.25 -11.21
C ALA B 167 -5.02 -7.71 -11.88
N GLY B 168 -5.64 -6.69 -11.31
CA GLY B 168 -6.83 -6.11 -11.91
C GLY B 168 -6.42 -4.87 -12.73
N ASP B 169 -5.22 -4.85 -13.30
CA ASP B 169 -4.75 -3.67 -14.03
C ASP B 169 -5.04 -3.82 -15.53
N PHE B 170 -6.16 -3.28 -15.96
CA PHE B 170 -6.68 -3.54 -17.35
C PHE B 170 -5.94 -2.67 -18.37
N TYR B 171 -5.15 -1.73 -17.85
CA TYR B 171 -4.32 -0.88 -18.73
C TYR B 171 -3.10 -1.71 -19.14
N LEU B 172 -2.43 -2.28 -18.16
CA LEU B 172 -1.38 -3.22 -18.40
C LEU B 172 -1.83 -4.40 -19.23
N LEU B 173 -3.05 -4.92 -18.98
N LEU B 173 -3.05 -4.89 -18.96
CA LEU B 173 -3.53 -6.01 -19.84
CA LEU B 173 -3.64 -5.96 -19.78
C LEU B 173 -3.62 -5.59 -21.30
C LEU B 173 -3.65 -5.59 -21.25
N GLU B 174 -4.19 -4.42 -21.56
CA GLU B 174 -4.30 -3.95 -22.97
C GLU B 174 -2.88 -3.74 -23.56
N ARG B 175 -1.97 -3.19 -22.72
CA ARG B 175 -0.64 -2.87 -23.22
C ARG B 175 0.12 -4.15 -23.61
N LEU B 176 -0.01 -5.19 -22.80
CA LEU B 176 0.60 -6.52 -23.08
C LEU B 176 0.07 -7.18 -24.38
N LYS B 177 -1.25 -7.06 -24.62
CA LYS B 177 -1.82 -7.54 -25.88
C LYS B 177 -1.36 -6.72 -27.04
N LYS B 178 -1.27 -5.41 -26.87
CA LYS B 178 -0.73 -4.62 -27.90
C LYS B 178 0.73 -4.97 -28.23
N ALA B 179 1.57 -5.20 -27.21
CA ALA B 179 2.99 -5.30 -27.50
C ALA B 179 3.34 -6.71 -27.96
N TYR B 180 2.66 -7.72 -27.44
CA TYR B 180 3.01 -9.11 -27.74
C TYR B 180 1.75 -9.86 -28.23
N PRO B 181 1.22 -9.46 -29.41
CA PRO B 181 -0.07 -9.97 -29.91
C PRO B 181 -0.09 -11.50 -30.02
N ASN B 182 1.06 -12.16 -30.22
CA ASN B 182 1.11 -13.65 -30.42
C ASN B 182 1.33 -14.43 -29.11
N HIS B 183 1.57 -13.69 -28.02
CA HIS B 183 1.63 -14.35 -26.71
C HIS B 183 0.24 -14.35 -26.04
N LEU B 184 0.01 -15.35 -25.21
CA LEU B 184 -1.33 -15.65 -24.74
C LEU B 184 -1.50 -15.01 -23.38
N ILE B 185 -2.76 -14.66 -23.11
CA ILE B 185 -3.16 -14.23 -21.78
C ILE B 185 -4.37 -15.03 -21.30
N TRP B 186 -4.25 -15.56 -20.08
CA TRP B 186 -5.39 -16.11 -19.34
C TRP B 186 -5.80 -15.22 -18.18
N ALA B 187 -7.10 -14.91 -18.14
CA ALA B 187 -7.61 -14.13 -17.01
C ALA B 187 -7.64 -14.97 -15.74
N GLY B 188 -7.21 -14.37 -14.63
CA GLY B 188 -7.15 -15.02 -13.30
C GLY B 188 -8.31 -14.70 -12.34
N PHE B 189 -9.14 -13.72 -12.69
CA PHE B 189 -10.17 -13.22 -11.82
CA PHE B 189 -10.18 -13.27 -11.76
C PHE B 189 -11.55 -13.52 -12.40
N ASP B 190 -12.25 -14.56 -11.87
CA ASP B 190 -13.52 -15.05 -12.45
C ASP B 190 -14.58 -13.97 -12.47
N GLU B 191 -14.55 -13.12 -11.45
CA GLU B 191 -15.52 -12.04 -11.31
C GLU B 191 -15.22 -10.83 -12.26
N MET B 192 -14.13 -10.90 -13.02
CA MET B 192 -13.83 -9.84 -14.04
C MET B 192 -13.65 -10.45 -15.44
N MET B 193 -14.35 -11.54 -15.67
CA MET B 193 -14.18 -12.31 -16.90
C MET B 193 -14.58 -11.49 -18.15
N LEU B 194 -15.80 -10.93 -18.15
CA LEU B 194 -16.35 -10.16 -19.25
C LEU B 194 -15.44 -8.94 -19.60
N PRO B 195 -15.04 -8.08 -18.64
CA PRO B 195 -14.11 -7.02 -19.17
C PRO B 195 -12.75 -7.58 -19.72
N ALA B 196 -12.27 -8.69 -19.14
CA ALA B 196 -11.00 -9.26 -19.61
C ALA B 196 -11.13 -9.83 -21.05
N ALA B 197 -12.18 -10.61 -21.28
CA ALA B 197 -12.52 -11.14 -22.58
C ALA B 197 -12.74 -9.99 -23.60
N SER B 198 -13.25 -8.84 -23.16
CA SER B 198 -13.52 -7.71 -24.07
C SER B 198 -12.21 -7.12 -24.62
N LEU B 199 -11.14 -7.30 -23.85
CA LEU B 199 -9.76 -6.90 -24.26
C LEU B 199 -8.95 -8.01 -25.01
N GLY B 200 -9.61 -9.11 -25.36
CA GLY B 200 -9.04 -10.17 -26.20
C GLY B 200 -8.20 -11.21 -25.45
N VAL B 201 -8.38 -11.41 -24.13
CA VAL B 201 -7.66 -12.53 -23.48
C VAL B 201 -8.00 -13.85 -24.18
N ASP B 202 -7.07 -14.80 -24.13
CA ASP B 202 -7.25 -16.04 -24.88
C ASP B 202 -7.98 -17.13 -24.10
N GLY B 203 -8.19 -16.94 -22.82
CA GLY B 203 -8.71 -18.00 -21.95
C GLY B 203 -8.85 -17.48 -20.49
N ALA B 204 -9.30 -18.37 -19.60
CA ALA B 204 -9.43 -18.03 -18.21
C ALA B 204 -9.08 -19.22 -17.33
N ILE B 205 -8.35 -19.01 -16.23
CA ILE B 205 -8.07 -20.08 -15.32
C ILE B 205 -8.74 -19.66 -14.00
N GLY B 206 -9.65 -20.47 -13.47
CA GLY B 206 -10.41 -20.07 -12.28
C GLY B 206 -10.88 -21.13 -11.32
N SER B 207 -10.93 -20.76 -10.01
CA SER B 207 -11.44 -21.64 -8.97
C SER B 207 -12.92 -21.87 -9.11
N THR B 208 -13.67 -20.84 -9.50
CA THR B 208 -15.13 -21.04 -9.49
C THR B 208 -15.63 -21.88 -10.65
N PHE B 209 -14.78 -22.17 -11.64
CA PHE B 209 -15.22 -22.96 -12.79
C PHE B 209 -15.45 -24.44 -12.37
N ASN B 210 -14.87 -24.84 -11.22
CA ASN B 210 -15.19 -26.12 -10.63
C ASN B 210 -16.72 -26.28 -10.42
N VAL B 211 -17.49 -25.22 -10.18
CA VAL B 211 -18.96 -25.41 -10.02
C VAL B 211 -19.84 -24.52 -10.94
N ASN B 212 -19.25 -23.48 -11.51
CA ASN B 212 -19.95 -22.52 -12.37
C ASN B 212 -19.36 -22.50 -13.82
N GLY B 213 -18.76 -23.64 -14.24
CA GLY B 213 -18.17 -23.79 -15.58
C GLY B 213 -19.15 -23.48 -16.72
N VAL B 214 -20.42 -23.80 -16.56
CA VAL B 214 -21.39 -23.59 -17.69
C VAL B 214 -21.52 -22.07 -17.97
N ARG B 215 -21.88 -21.30 -16.95
CA ARG B 215 -21.90 -19.82 -17.01
C ARG B 215 -20.56 -19.20 -17.45
N ALA B 216 -19.44 -19.70 -16.92
CA ALA B 216 -18.14 -19.11 -17.26
C ALA B 216 -17.92 -19.19 -18.78
N ARG B 217 -18.22 -20.34 -19.37
CA ARG B 217 -18.04 -20.52 -20.82
C ARG B 217 -18.97 -19.62 -21.63
N GLN B 218 -20.24 -19.50 -21.20
CA GLN B 218 -21.17 -18.56 -21.79
C GLN B 218 -20.68 -17.10 -21.78
N ILE B 219 -20.20 -16.62 -20.62
CA ILE B 219 -19.72 -15.25 -20.52
C ILE B 219 -18.56 -15.04 -21.55
N PHE B 220 -17.59 -15.95 -21.51
CA PHE B 220 -16.44 -15.86 -22.36
C PHE B 220 -16.81 -15.88 -23.89
N GLU B 221 -17.56 -16.90 -24.34
CA GLU B 221 -17.92 -17.01 -25.75
C GLU B 221 -18.87 -15.92 -26.24
N LEU B 222 -19.87 -15.56 -25.42
CA LEU B 222 -20.76 -14.48 -25.75
C LEU B 222 -19.99 -13.17 -25.91
N THR B 223 -19.12 -12.85 -24.95
CA THR B 223 -18.28 -11.65 -25.09
C THR B 223 -17.49 -11.63 -26.36
N GLN B 224 -16.81 -12.74 -26.68
CA GLN B 224 -16.00 -12.76 -27.91
C GLN B 224 -16.88 -12.61 -29.15
N ALA B 225 -18.14 -12.99 -29.04
CA ALA B 225 -19.07 -12.83 -30.18
C ALA B 225 -19.70 -11.46 -30.20
N GLY B 226 -19.33 -10.61 -29.23
CA GLY B 226 -19.96 -9.28 -29.10
C GLY B 226 -21.41 -9.25 -28.59
N LYS B 227 -21.92 -10.34 -28.04
CA LYS B 227 -23.21 -10.30 -27.33
C LYS B 227 -23.06 -9.87 -25.88
N LEU B 228 -22.84 -8.57 -25.70
CA LEU B 228 -22.45 -8.00 -24.41
C LEU B 228 -23.58 -7.97 -23.46
N LYS B 229 -24.76 -7.58 -23.95
CA LYS B 229 -25.98 -7.52 -23.15
C LYS B 229 -26.26 -8.85 -22.46
N GLU B 230 -26.19 -9.96 -23.20
CA GLU B 230 -26.41 -11.29 -22.63
C GLU B 230 -25.21 -11.71 -21.73
N ALA B 231 -23.99 -11.42 -22.18
CA ALA B 231 -22.79 -11.71 -21.39
C ALA B 231 -22.87 -11.04 -20.02
N LEU B 232 -23.28 -9.76 -20.04
CA LEU B 232 -23.39 -8.98 -18.79
C LEU B 232 -24.40 -9.55 -17.83
N GLU B 233 -25.54 -10.02 -18.35
CA GLU B 233 -26.55 -10.64 -17.45
C GLU B 233 -26.01 -11.84 -16.69
N ILE B 234 -25.26 -12.64 -17.41
CA ILE B 234 -24.75 -13.89 -16.88
C ILE B 234 -23.56 -13.60 -15.95
N GLN B 235 -22.81 -12.55 -16.24
CA GLN B 235 -21.75 -12.09 -15.34
C GLN B 235 -22.34 -11.59 -14.02
N HIS B 236 -23.44 -10.84 -14.11
CA HIS B 236 -24.21 -10.40 -12.92
C HIS B 236 -24.63 -11.54 -11.99
N VAL B 237 -25.27 -12.58 -12.55
CA VAL B 237 -25.70 -13.73 -11.74
C VAL B 237 -24.43 -14.42 -11.18
N THR B 238 -23.43 -14.60 -12.06
CA THR B 238 -22.16 -15.22 -11.68
C THR B 238 -21.56 -14.55 -10.46
N ASN B 239 -21.51 -13.22 -10.49
CA ASN B 239 -20.94 -12.45 -9.42
C ASN B 239 -21.82 -12.39 -8.14
N ASP B 240 -23.14 -12.62 -8.25
CA ASP B 240 -23.93 -12.88 -7.08
C ASP B 240 -23.44 -14.18 -6.40
N LEU B 241 -23.25 -15.24 -7.20
CA LEU B 241 -22.73 -16.48 -6.66
C LEU B 241 -21.30 -16.27 -6.04
N ILE B 242 -20.40 -15.63 -6.79
CA ILE B 242 -19.01 -15.41 -6.31
C ILE B 242 -18.93 -14.60 -5.04
N GLU B 243 -19.75 -13.56 -4.97
CA GLU B 243 -19.86 -12.76 -3.75
C GLU B 243 -20.24 -13.61 -2.56
N GLY B 244 -21.24 -14.48 -2.73
CA GLY B 244 -21.65 -15.40 -1.66
C GLY B 244 -20.50 -16.32 -1.25
N ILE B 245 -19.85 -16.91 -2.26
CA ILE B 245 -18.79 -17.85 -2.05
C ILE B 245 -17.65 -17.16 -1.31
N LEU B 246 -17.28 -15.93 -1.74
CA LEU B 246 -16.19 -15.20 -1.01
C LEU B 246 -16.56 -14.92 0.43
N ALA B 247 -17.80 -14.49 0.66
CA ALA B 247 -18.25 -14.16 2.02
C ALA B 247 -18.23 -15.39 2.93
N ASN B 248 -18.57 -16.54 2.37
CA ASN B 248 -18.79 -17.75 3.18
C ASN B 248 -17.50 -18.51 3.44
N GLY B 249 -16.46 -18.27 2.63
CA GLY B 249 -15.17 -18.99 2.69
C GLY B 249 -14.97 -19.66 1.32
N LEU B 250 -14.04 -19.13 0.53
CA LEU B 250 -13.87 -19.50 -0.88
C LEU B 250 -13.75 -21.03 -1.14
N TYR B 251 -12.68 -21.63 -0.64
CA TYR B 251 -12.40 -22.99 -1.00
C TYR B 251 -13.37 -23.97 -0.37
N LEU B 252 -13.73 -23.73 0.89
CA LEU B 252 -14.68 -24.61 1.57
C LEU B 252 -16.07 -24.55 0.91
N THR B 253 -16.48 -23.38 0.44
CA THR B 253 -17.81 -23.24 -0.14
C THR B 253 -17.91 -23.86 -1.56
N ILE B 254 -16.86 -23.69 -2.39
CA ILE B 254 -16.79 -24.43 -3.63
C ILE B 254 -16.84 -25.93 -3.38
N LYS B 255 -16.11 -26.41 -2.37
CA LYS B 255 -16.19 -27.83 -2.08
C LYS B 255 -17.59 -28.28 -1.60
N GLU B 256 -18.24 -27.44 -0.79
CA GLU B 256 -19.56 -27.74 -0.31
C GLU B 256 -20.53 -27.80 -1.52
N LEU B 257 -20.37 -26.87 -2.47
CA LEU B 257 -21.20 -26.87 -3.67
C LEU B 257 -20.94 -28.14 -4.50
N LEU B 258 -19.67 -28.58 -4.57
CA LEU B 258 -19.37 -29.88 -5.19
C LEU B 258 -20.10 -31.02 -4.46
N LYS B 259 -20.01 -31.02 -3.14
CA LYS B 259 -20.60 -32.14 -2.35
C LYS B 259 -22.06 -32.21 -2.59
N LEU B 260 -22.72 -31.06 -2.72
CA LEU B 260 -24.17 -31.09 -2.99
C LEU B 260 -24.57 -31.76 -4.34
N ASP B 261 -23.60 -31.89 -5.26
CA ASP B 261 -23.76 -32.60 -6.53
C ASP B 261 -23.13 -33.97 -6.48
N GLY B 262 -22.87 -34.48 -5.27
CA GLY B 262 -22.39 -35.86 -5.07
C GLY B 262 -20.91 -36.05 -5.37
N VAL B 263 -20.15 -34.95 -5.40
CA VAL B 263 -18.69 -35.04 -5.56
C VAL B 263 -18.08 -35.00 -4.14
N GLU B 264 -17.26 -35.99 -3.81
CA GLU B 264 -16.66 -36.10 -2.47
C GLU B 264 -15.46 -35.21 -2.34
N ALA B 265 -15.69 -33.90 -2.24
CA ALA B 265 -14.63 -32.88 -2.38
C ALA B 265 -13.80 -32.74 -1.08
N GLY B 266 -14.26 -33.41 -0.05
CA GLY B 266 -13.50 -33.56 1.22
C GLY B 266 -13.33 -32.28 2.03
N TYR B 267 -12.36 -32.30 2.92
CA TYR B 267 -12.04 -31.20 3.82
C TYR B 267 -11.04 -30.25 3.11
N CYS B 268 -10.82 -29.06 3.67
CA CYS B 268 -9.61 -28.24 3.32
C CYS B 268 -8.43 -28.66 4.18
N ARG B 269 -7.25 -28.24 3.74
CA ARG B 269 -6.01 -28.61 4.39
C ARG B 269 -5.61 -27.52 5.41
N GLU B 270 -5.37 -27.91 6.67
CA GLU B 270 -4.77 -27.02 7.65
C GLU B 270 -3.43 -26.48 7.14
N PRO B 271 -3.12 -25.20 7.44
CA PRO B 271 -3.75 -24.30 8.43
C PRO B 271 -5.00 -23.51 7.94
N MET B 272 -5.49 -23.80 6.72
N MET B 272 -5.49 -23.80 6.73
CA MET B 272 -6.82 -23.31 6.37
CA MET B 272 -6.82 -23.33 6.37
C MET B 272 -7.84 -24.02 7.27
C MET B 272 -7.83 -24.02 7.31
N THR B 273 -8.99 -23.38 7.50
CA THR B 273 -10.07 -23.99 8.33
C THR B 273 -10.54 -25.22 7.53
N LYS B 274 -10.58 -26.35 8.23
CA LYS B 274 -10.87 -27.68 7.60
C LYS B 274 -12.27 -27.88 7.10
N GLU B 275 -13.24 -27.38 7.85
CA GLU B 275 -14.63 -27.62 7.47
C GLU B 275 -15.52 -26.43 7.83
N LEU B 276 -16.66 -26.30 7.14
CA LEU B 276 -17.61 -25.20 7.39
C LEU B 276 -18.36 -25.41 8.67
N SER B 277 -18.73 -24.33 9.36
CA SER B 277 -19.66 -24.43 10.51
C SER B 277 -21.05 -24.77 9.96
N SER B 278 -21.97 -25.23 10.79
CA SER B 278 -23.26 -25.56 10.22
C SER B 278 -24.04 -24.41 9.63
N GLU B 279 -23.91 -23.18 10.18
CA GLU B 279 -24.58 -22.09 9.48
C GLU B 279 -24.00 -21.74 8.15
N LYS B 280 -22.70 -21.95 8.00
CA LYS B 280 -22.08 -21.73 6.72
C LYS B 280 -22.43 -22.83 5.72
N VAL B 281 -22.69 -24.04 6.22
CA VAL B 281 -23.24 -25.09 5.39
C VAL B 281 -24.66 -24.67 4.87
N ALA B 282 -25.55 -24.26 5.79
CA ALA B 282 -26.88 -23.77 5.41
C ALA B 282 -26.75 -22.62 4.40
N PHE B 283 -25.80 -21.69 4.64
CA PHE B 283 -25.55 -20.60 3.68
C PHE B 283 -25.19 -21.13 2.29
N ALA B 284 -24.25 -22.08 2.23
CA ALA B 284 -23.91 -22.74 0.95
C ALA B 284 -25.11 -23.43 0.22
N LYS B 285 -25.95 -24.12 0.99
CA LYS B 285 -27.17 -24.65 0.43
C LYS B 285 -28.04 -23.57 -0.24
N GLU B 286 -28.15 -22.40 0.37
CA GLU B 286 -28.86 -21.31 -0.23
C GLU B 286 -28.25 -20.88 -1.57
N LEU B 287 -26.93 -20.77 -1.63
CA LEU B 287 -26.25 -20.42 -2.90
C LEU B 287 -26.59 -21.48 -3.96
N LYS B 288 -26.59 -22.74 -3.55
CA LYS B 288 -26.91 -23.85 -4.43
C LYS B 288 -28.36 -23.74 -4.98
N ALA B 289 -29.33 -23.50 -4.08
CA ALA B 289 -30.72 -23.36 -4.44
C ALA B 289 -30.89 -22.17 -5.43
N LYS B 290 -30.25 -21.03 -5.12
CA LYS B 290 -30.45 -19.81 -5.91
C LYS B 290 -29.72 -19.79 -7.24
N TYR B 291 -28.53 -20.35 -7.29
CA TYR B 291 -27.71 -20.16 -8.47
C TYR B 291 -27.30 -21.40 -9.23
N LEU B 292 -27.40 -22.59 -8.61
CA LEU B 292 -26.84 -23.81 -9.25
C LEU B 292 -27.83 -24.97 -9.21
N SER B 293 -29.11 -24.64 -9.29
CA SER B 293 -30.14 -25.70 -9.38
C SER B 293 -30.90 -25.63 -10.66
N LYS C 2 17.11 -22.06 30.16
CA LYS C 2 18.20 -21.24 29.53
C LYS C 2 17.67 -19.87 29.14
N ASN C 3 18.50 -18.84 29.33
CA ASN C 3 18.10 -17.44 29.19
C ASN C 3 18.05 -17.04 27.73
N LEU C 4 16.94 -16.46 27.29
CA LEU C 4 16.79 -16.17 25.84
C LEU C 4 16.88 -14.67 25.55
N LYS C 5 17.32 -13.89 26.54
CA LYS C 5 17.53 -12.45 26.35
C LYS C 5 18.83 -12.15 25.63
N GLY C 6 18.98 -10.96 25.06
CA GLY C 6 20.27 -10.58 24.47
C GLY C 6 20.39 -10.68 22.94
N ILE C 7 21.61 -10.99 22.50
CA ILE C 7 22.00 -10.83 21.09
C ILE C 7 22.05 -12.17 20.36
N PHE C 8 21.21 -12.34 19.32
CA PHE C 8 21.12 -13.57 18.59
C PHE C 8 21.41 -13.22 17.12
N SER C 9 22.40 -13.89 16.52
CA SER C 9 22.55 -13.80 15.06
C SER C 9 21.54 -14.71 14.41
N ALA C 10 20.89 -14.18 13.36
CA ALA C 10 20.09 -15.04 12.50
C ALA C 10 21.13 -15.71 11.60
N LEU C 11 21.31 -17.01 11.80
CA LEU C 11 22.39 -17.80 11.19
C LEU C 11 22.32 -17.82 9.68
N LEU C 12 23.40 -17.36 9.04
CA LEU C 12 23.61 -17.55 7.56
C LEU C 12 24.10 -18.95 7.32
N VAL C 13 23.80 -19.47 6.14
CA VAL C 13 24.22 -20.83 5.79
C VAL C 13 25.18 -20.81 4.59
N SER C 14 26.24 -21.62 4.67
N SER C 14 26.26 -21.59 4.66
CA SER C 14 27.22 -21.74 3.59
CA SER C 14 27.20 -21.70 3.56
C SER C 14 26.73 -22.79 2.61
C SER C 14 26.71 -22.76 2.61
N PHE C 15 26.51 -22.38 1.35
CA PHE C 15 26.13 -23.31 0.28
C PHE C 15 27.28 -23.49 -0.74
N ASN C 16 27.34 -24.67 -1.36
CA ASN C 16 28.21 -24.95 -2.51
C ASN C 16 27.63 -24.31 -3.78
N ALA C 17 28.42 -24.30 -4.85
CA ALA C 17 27.97 -23.85 -6.15
C ALA C 17 26.65 -24.51 -6.65
N ASP C 18 26.39 -25.77 -6.31
CA ASP C 18 25.23 -26.48 -6.81
C ASP C 18 24.06 -26.31 -5.83
N GLY C 19 24.23 -25.47 -4.81
CA GLY C 19 23.17 -25.21 -3.85
C GLY C 19 23.11 -26.14 -2.65
N SER C 20 23.90 -27.20 -2.66
N SER C 20 23.96 -27.17 -2.66
CA SER C 20 23.99 -28.09 -1.50
CA SER C 20 24.13 -28.09 -1.53
C SER C 20 24.58 -27.33 -0.32
C SER C 20 24.62 -27.32 -0.30
N ILE C 21 24.29 -27.80 0.90
CA ILE C 21 24.84 -27.21 2.11
C ILE C 21 26.31 -27.57 2.29
N ASN C 22 27.15 -26.58 2.52
CA ASN C 22 28.57 -26.86 2.82
C ASN C 22 28.79 -26.97 4.36
N GLU C 23 28.85 -28.20 4.88
CA GLU C 23 28.84 -28.44 6.34
C GLU C 23 30.06 -27.83 7.08
N LYS C 24 31.23 -27.93 6.45
CA LYS C 24 32.43 -27.32 6.98
C LYS C 24 32.26 -25.81 7.15
N GLY C 25 31.81 -25.15 6.07
CA GLY C 25 31.48 -23.73 6.12
C GLY C 25 30.39 -23.32 7.15
N LEU C 26 29.29 -24.02 7.16
CA LEU C 26 28.27 -23.78 8.18
C LEU C 26 28.88 -23.86 9.61
N ARG C 27 29.70 -24.88 9.84
CA ARG C 27 30.38 -24.99 11.14
C ARG C 27 31.25 -23.78 11.45
N GLN C 28 32.01 -23.32 10.44
CA GLN C 28 32.81 -22.09 10.61
C GLN C 28 31.98 -20.83 10.98
N ILE C 29 30.87 -20.65 10.28
CA ILE C 29 29.99 -19.55 10.58
C ILE C 29 29.47 -19.65 12.02
N VAL C 30 29.05 -20.83 12.45
CA VAL C 30 28.61 -21.06 13.86
C VAL C 30 29.74 -20.69 14.89
N ARG C 31 30.93 -21.17 14.59
CA ARG C 31 32.10 -21.02 15.47
C ARG C 31 32.46 -19.52 15.54
N TYR C 32 32.43 -18.87 14.36
CA TYR C 32 32.75 -17.45 14.31
C TYR C 32 31.77 -16.63 15.12
N ASN C 33 30.49 -16.97 15.02
CA ASN C 33 29.45 -16.25 15.79
C ASN C 33 29.68 -16.43 17.32
N ILE C 34 29.94 -17.66 17.71
CA ILE C 34 30.13 -17.97 19.14
C ILE C 34 31.38 -17.28 19.69
N ASP C 35 32.52 -17.49 19.02
CA ASP C 35 33.85 -17.12 19.56
C ASP C 35 34.25 -15.69 19.26
N LYS C 36 33.83 -15.15 18.11
CA LYS C 36 34.32 -13.85 17.69
C LYS C 36 33.21 -12.80 17.77
N MET C 37 31.99 -13.14 17.37
CA MET C 37 30.89 -12.21 17.53
C MET C 37 30.37 -12.22 18.97
N LYS C 38 30.69 -13.30 19.71
CA LYS C 38 30.30 -13.40 21.16
C LYS C 38 28.77 -13.23 21.39
N VAL C 39 27.97 -13.86 20.53
CA VAL C 39 26.51 -13.76 20.61
C VAL C 39 25.96 -14.57 21.79
N ASP C 40 24.80 -14.19 22.34
CA ASP C 40 24.12 -15.03 23.34
C ASP C 40 23.48 -16.27 22.72
N GLY C 41 23.15 -16.20 21.45
CA GLY C 41 22.50 -17.36 20.82
C GLY C 41 22.44 -17.27 19.32
N LEU C 42 21.87 -18.30 18.72
CA LEU C 42 21.62 -18.34 17.32
C LEU C 42 20.15 -18.61 17.08
N TYR C 43 19.64 -17.93 16.08
CA TYR C 43 18.28 -18.13 15.58
C TYR C 43 18.47 -18.81 14.23
N VAL C 44 18.05 -20.07 14.18
CA VAL C 44 18.44 -21.00 13.09
C VAL C 44 17.22 -21.29 12.23
N GLY C 45 17.39 -21.27 10.91
CA GLY C 45 16.24 -21.48 10.01
C GLY C 45 15.34 -20.30 9.73
N GLY C 46 15.85 -19.11 10.00
CA GLY C 46 15.15 -17.86 9.66
C GLY C 46 15.31 -17.45 8.17
N SER C 47 14.74 -16.30 7.84
CA SER C 47 14.90 -15.67 6.50
C SER C 47 16.39 -15.59 6.07
N THR C 48 17.24 -15.16 7.00
CA THR C 48 18.68 -14.99 6.80
C THR C 48 19.39 -16.27 6.43
N GLY C 49 18.87 -17.38 6.98
CA GLY C 49 19.39 -18.70 6.64
C GLY C 49 18.96 -19.21 5.27
N GLU C 50 18.25 -18.36 4.52
CA GLU C 50 17.72 -18.79 3.17
C GLU C 50 16.80 -19.99 3.25
N ASN C 51 16.15 -20.12 4.39
CA ASN C 51 15.38 -21.28 4.81
C ASN C 51 14.26 -21.58 3.81
N PHE C 52 13.55 -20.55 3.37
CA PHE C 52 12.40 -20.75 2.51
C PHE C 52 12.69 -21.22 1.11
N MET C 53 13.98 -21.25 0.71
CA MET C 53 14.39 -21.75 -0.58
C MET C 53 14.86 -23.20 -0.50
N LEU C 54 14.70 -23.82 0.66
CA LEU C 54 15.27 -25.21 0.95
C LEU C 54 14.22 -26.33 1.13
N SER C 55 14.63 -27.56 0.90
CA SER C 55 13.76 -28.72 1.15
C SER C 55 13.70 -29.00 2.68
N THR C 56 12.72 -29.80 3.09
CA THR C 56 12.59 -30.18 4.52
C THR C 56 13.86 -30.90 5.03
N GLU C 57 14.44 -31.76 4.19
CA GLU C 57 15.68 -32.46 4.57
C GLU C 57 16.85 -31.50 4.81
N GLU C 58 17.01 -30.49 3.94
CA GLU C 58 18.09 -29.52 4.11
C GLU C 58 17.93 -28.71 5.40
N LYS C 59 16.71 -28.30 5.68
CA LYS C 59 16.37 -27.64 6.93
C LYS C 59 16.78 -28.51 8.14
N LYS C 60 16.40 -29.80 8.12
CA LYS C 60 16.78 -30.71 9.18
C LYS C 60 18.31 -30.82 9.33
N GLU C 61 18.98 -30.92 8.19
CA GLU C 61 20.43 -31.01 8.11
C GLU C 61 21.03 -29.79 8.81
N ILE C 62 20.52 -28.61 8.50
CA ILE C 62 21.03 -27.36 9.10
C ILE C 62 20.79 -27.35 10.62
N PHE C 63 19.58 -27.69 11.07
CA PHE C 63 19.33 -27.72 12.51
C PHE C 63 20.31 -28.62 13.23
N ARG C 64 20.57 -29.80 12.65
CA ARG C 64 21.48 -30.73 13.33
C ARG C 64 22.94 -30.29 13.35
N ILE C 65 23.43 -29.77 12.23
CA ILE C 65 24.78 -29.27 12.19
C ILE C 65 24.99 -28.12 13.16
N ALA C 66 24.03 -27.21 13.21
CA ALA C 66 24.21 -26.02 14.04
C ALA C 66 24.23 -26.42 15.52
N LYS C 67 23.32 -27.32 15.90
CA LYS C 67 23.24 -27.82 17.30
C LYS C 67 24.55 -28.57 17.64
N ASP C 68 24.91 -29.51 16.78
CA ASP C 68 26.15 -30.28 16.96
C ASP C 68 27.41 -29.44 17.17
N GLU C 69 27.51 -28.33 16.45
CA GLU C 69 28.67 -27.44 16.58
C GLU C 69 28.58 -26.53 17.82
N ALA C 70 27.38 -26.03 18.10
CA ALA C 70 27.19 -25.11 19.19
C ALA C 70 27.21 -25.82 20.55
N LYS C 71 26.74 -27.07 20.55
CA LYS C 71 26.51 -27.85 21.79
C LYS C 71 25.66 -27.04 22.73
N ASP C 72 26.18 -26.88 23.96
CA ASP C 72 25.50 -26.13 24.99
C ASP C 72 26.14 -24.81 25.38
N GLU C 73 27.03 -24.28 24.54
CA GLU C 73 27.70 -23.00 24.85
C GLU C 73 26.82 -21.77 24.77
N ILE C 74 25.80 -21.81 23.90
CA ILE C 74 24.89 -20.69 23.71
C ILE C 74 23.45 -21.12 23.63
N ALA C 75 22.54 -20.14 23.63
CA ALA C 75 21.13 -20.44 23.42
C ALA C 75 20.86 -20.64 21.93
N LEU C 76 19.96 -21.57 21.60
CA LEU C 76 19.51 -21.76 20.22
C LEU C 76 17.97 -21.75 20.04
N ILE C 77 17.50 -21.07 18.99
CA ILE C 77 16.09 -20.96 18.66
C ILE C 77 15.96 -21.50 17.24
N ALA C 78 14.93 -22.34 17.02
CA ALA C 78 14.69 -22.91 15.71
C ALA C 78 13.42 -22.37 15.06
N GLN C 79 13.58 -21.76 13.90
CA GLN C 79 12.46 -21.21 13.16
C GLN C 79 11.97 -22.36 12.35
N VAL C 80 10.73 -22.78 12.60
CA VAL C 80 10.16 -23.93 11.94
C VAL C 80 8.88 -23.64 11.16
N GLY C 81 8.48 -22.37 11.07
CA GLY C 81 7.28 -21.97 10.39
C GLY C 81 7.28 -22.20 8.90
N SER C 82 6.08 -22.29 8.32
CA SER C 82 5.91 -22.69 6.92
C SER C 82 4.44 -22.50 6.54
N VAL C 83 4.13 -22.46 5.24
CA VAL C 83 2.72 -22.43 4.79
C VAL C 83 2.19 -23.83 5.02
N ASN C 84 3.09 -24.82 5.02
CA ASN C 84 2.76 -26.20 5.35
C ASN C 84 2.85 -26.47 6.87
N LEU C 85 1.70 -26.55 7.55
CA LEU C 85 1.69 -26.83 8.99
C LEU C 85 2.24 -28.22 9.37
N GLN C 86 1.99 -29.24 8.55
CA GLN C 86 2.60 -30.56 8.78
C GLN C 86 4.15 -30.50 8.69
N GLU C 87 4.70 -29.74 7.74
CA GLU C 87 6.15 -29.56 7.73
C GLU C 87 6.64 -28.83 9.03
N ALA C 88 5.90 -27.81 9.43
CA ALA C 88 6.24 -27.05 10.64
C ALA C 88 6.24 -27.93 11.88
N ILE C 89 5.25 -28.81 12.01
CA ILE C 89 5.20 -29.78 13.09
C ILE C 89 6.39 -30.75 13.08
N GLU C 90 6.64 -31.35 11.90
CA GLU C 90 7.78 -32.26 11.76
C GLU C 90 9.12 -31.57 12.15
N LEU C 91 9.35 -30.37 11.62
CA LEU C 91 10.54 -29.60 11.96
C LEU C 91 10.59 -29.24 13.44
N GLY C 92 9.42 -28.88 13.99
CA GLY C 92 9.32 -28.50 15.40
C GLY C 92 9.66 -29.70 16.30
N LYS C 93 9.12 -30.87 15.99
CA LYS C 93 9.50 -32.08 16.76
C LYS C 93 10.99 -32.39 16.60
N TYR C 94 11.53 -32.25 15.38
CA TYR C 94 12.95 -32.57 15.13
C TYR C 94 13.85 -31.67 15.96
N ALA C 95 13.60 -30.37 15.88
CA ALA C 95 14.40 -29.37 16.58
C ALA C 95 14.25 -29.49 18.11
N THR C 96 13.06 -29.83 18.59
CA THR C 96 12.82 -30.09 20.01
C THR C 96 13.66 -31.30 20.48
N GLU C 97 13.64 -32.37 19.68
CA GLU C 97 14.41 -33.56 20.01
C GLU C 97 15.91 -33.27 20.04
N LEU C 98 16.37 -32.38 19.18
CA LEU C 98 17.78 -31.98 19.17
C LEU C 98 18.14 -31.10 20.37
N GLY C 99 17.14 -30.66 21.13
CA GLY C 99 17.39 -29.81 22.30
C GLY C 99 17.41 -28.29 22.11
N TYR C 100 16.79 -27.77 21.03
CA TYR C 100 16.71 -26.30 20.86
C TYR C 100 15.92 -25.70 22.03
N ASP C 101 16.25 -24.48 22.43
CA ASP C 101 15.69 -23.97 23.67
C ASP C 101 14.32 -23.39 23.48
N SER C 102 14.02 -23.01 22.22
CA SER C 102 12.67 -22.58 21.88
C SER C 102 12.46 -22.83 20.38
N LEU C 103 11.21 -22.98 19.98
CA LEU C 103 10.85 -22.84 18.56
C LEU C 103 10.44 -21.40 18.26
N SER C 104 10.29 -21.14 16.96
CA SER C 104 9.76 -19.88 16.52
C SER C 104 9.07 -20.20 15.20
N ALA C 105 8.05 -19.45 14.80
CA ALA C 105 7.41 -19.71 13.48
C ALA C 105 6.84 -18.45 12.88
N VAL C 106 7.30 -18.10 11.68
CA VAL C 106 6.69 -17.04 10.90
C VAL C 106 5.16 -17.33 10.80
N THR C 107 4.37 -16.28 10.74
CA THR C 107 2.94 -16.45 10.50
C THR C 107 2.72 -17.10 9.11
N PRO C 108 1.74 -18.02 8.99
CA PRO C 108 1.56 -18.62 7.68
C PRO C 108 1.25 -17.56 6.60
N PHE C 109 1.86 -17.72 5.42
CA PHE C 109 1.84 -16.68 4.38
C PHE C 109 1.30 -17.19 3.05
N TYR C 110 1.48 -16.39 1.99
CA TYR C 110 0.93 -16.66 0.64
C TYR C 110 -0.59 -16.51 0.64
N TYR C 111 -1.30 -17.45 1.21
CA TYR C 111 -2.73 -17.28 1.40
C TYR C 111 -3.02 -16.23 2.46
N LYS C 112 -4.20 -15.61 2.37
CA LYS C 112 -4.64 -14.72 3.46
C LYS C 112 -5.34 -15.52 4.57
N PHE C 113 -4.61 -15.87 5.61
CA PHE C 113 -5.20 -16.62 6.72
C PHE C 113 -5.96 -15.70 7.68
N SER C 114 -7.04 -16.20 8.30
CA SER C 114 -7.76 -15.45 9.32
C SER C 114 -7.00 -15.52 10.64
N PHE C 115 -7.32 -14.64 11.59
CA PHE C 115 -6.57 -14.69 12.87
C PHE C 115 -6.80 -16.02 13.62
N PRO C 116 -8.08 -16.51 13.66
CA PRO C 116 -8.22 -17.79 14.33
C PRO C 116 -7.43 -18.95 13.64
N GLU C 117 -7.26 -18.91 12.31
CA GLU C 117 -6.38 -19.87 11.67
C GLU C 117 -4.91 -19.74 12.09
N ILE C 118 -4.42 -18.50 12.18
CA ILE C 118 -3.08 -18.20 12.69
C ILE C 118 -2.87 -18.69 14.12
N LYS C 119 -3.80 -18.35 15.04
CA LYS C 119 -3.73 -18.89 16.41
C LYS C 119 -3.74 -20.43 16.42
N HIS C 120 -4.63 -21.05 15.65
CA HIS C 120 -4.66 -22.50 15.61
C HIS C 120 -3.32 -23.08 15.13
N TYR C 121 -2.72 -22.46 14.12
CA TYR C 121 -1.38 -22.86 13.65
C TYR C 121 -0.34 -22.88 14.78
N TYR C 122 -0.23 -21.78 15.52
CA TYR C 122 0.69 -21.73 16.65
C TYR C 122 0.34 -22.79 17.73
N ASP C 123 -0.92 -22.86 18.12
CA ASP C 123 -1.36 -23.88 19.10
C ASP C 123 -1.05 -25.33 18.69
N SER C 124 -1.10 -25.61 17.38
CA SER C 124 -0.85 -26.95 16.84
C SER C 124 0.61 -27.30 16.94
N ILE C 125 1.46 -26.36 16.61
CA ILE C 125 2.89 -26.58 16.66
C ILE C 125 3.31 -26.79 18.13
N ILE C 126 2.80 -25.94 19.02
CA ILE C 126 3.09 -26.08 20.46
C ILE C 126 2.65 -27.43 21.03
N GLU C 127 1.40 -27.80 20.74
CA GLU C 127 0.84 -29.06 21.21
C GLU C 127 1.63 -30.30 20.72
N ALA C 128 2.07 -30.30 19.46
CA ALA C 128 2.75 -31.43 18.88
C ALA C 128 4.17 -31.60 19.39
N THR C 129 4.78 -30.50 19.86
CA THR C 129 6.20 -30.52 20.19
C THR C 129 6.45 -30.44 21.67
N GLY C 130 5.51 -29.86 22.42
CA GLY C 130 5.73 -29.57 23.81
C GLY C 130 6.69 -28.42 24.08
N ASN C 131 7.22 -27.76 23.02
CA ASN C 131 8.26 -26.75 23.23
C ASN C 131 7.70 -25.31 23.36
N TYR C 132 8.54 -24.38 23.82
CA TYR C 132 8.23 -22.95 23.76
C TYR C 132 8.18 -22.42 22.31
N MET C 133 7.47 -21.30 22.11
CA MET C 133 7.22 -20.71 20.79
C MET C 133 7.45 -19.20 20.84
N ILE C 134 8.17 -18.68 19.85
CA ILE C 134 8.29 -17.24 19.68
C ILE C 134 7.56 -16.90 18.39
N VAL C 135 6.61 -15.96 18.47
CA VAL C 135 5.80 -15.54 17.30
C VAL C 135 6.70 -14.68 16.45
N TYR C 136 6.72 -14.97 15.14
CA TYR C 136 7.70 -14.31 14.25
C TYR C 136 6.86 -13.44 13.37
N SER C 137 7.08 -12.16 13.56
CA SER C 137 6.30 -11.11 12.90
C SER C 137 7.15 -10.31 11.88
N ILE C 138 6.92 -10.50 10.57
CA ILE C 138 7.71 -9.80 9.52
C ILE C 138 6.73 -9.29 8.42
N PRO C 139 6.03 -8.15 8.70
CA PRO C 139 4.95 -7.69 7.82
C PRO C 139 5.42 -7.20 6.46
N PHE C 140 6.65 -6.68 6.37
CA PHE C 140 7.18 -6.23 5.04
C PHE C 140 7.45 -7.40 4.04
N LEU C 141 7.71 -8.61 4.56
CA LEU C 141 7.76 -9.83 3.73
C LEU C 141 6.39 -10.56 3.61
N THR C 142 5.65 -10.63 4.71
CA THR C 142 4.38 -11.42 4.77
C THR C 142 3.08 -10.68 4.39
N GLY C 143 3.02 -9.35 4.58
CA GLY C 143 1.77 -8.60 4.45
C GLY C 143 0.79 -8.80 5.62
N VAL C 144 1.23 -9.53 6.65
CA VAL C 144 0.40 -9.86 7.85
C VAL C 144 0.67 -8.89 9.03
N ASN C 145 -0.40 -8.24 9.51
CA ASN C 145 -0.39 -7.28 10.64
C ASN C 145 -1.25 -7.73 11.86
N ILE C 146 -0.61 -8.01 12.99
CA ILE C 146 -1.31 -8.52 14.23
C ILE C 146 -1.37 -7.40 15.30
N GLY C 147 -2.55 -7.19 15.90
CA GLY C 147 -2.74 -6.16 16.95
C GLY C 147 -2.52 -6.59 18.40
N VAL C 148 -2.54 -5.64 19.32
CA VAL C 148 -2.26 -5.89 20.73
C VAL C 148 -3.22 -6.94 21.31
N GLU C 149 -4.51 -6.79 21.02
CA GLU C 149 -5.51 -7.77 21.46
C GLU C 149 -5.28 -9.16 20.88
N GLN C 150 -4.92 -9.21 19.62
CA GLN C 150 -4.63 -10.48 18.98
C GLN C 150 -3.38 -11.13 19.63
N PHE C 151 -2.35 -10.33 19.93
CA PHE C 151 -1.18 -10.87 20.64
C PHE C 151 -1.64 -11.48 21.98
N GLY C 152 -2.62 -10.83 22.62
CA GLY C 152 -3.14 -11.30 23.90
C GLY C 152 -3.82 -12.65 23.79
N GLU C 153 -4.55 -12.87 22.69
CA GLU C 153 -5.14 -14.19 22.42
C GLU C 153 -4.07 -15.27 22.20
N LEU C 154 -3.03 -14.94 21.45
CA LEU C 154 -1.89 -15.83 21.30
C LEU C 154 -1.22 -16.15 22.67
N TYR C 155 -1.11 -15.13 23.51
CA TYR C 155 -0.40 -15.28 24.81
C TYR C 155 -1.23 -16.06 25.85
N LYS C 156 -2.51 -16.37 25.55
CA LYS C 156 -3.25 -17.31 26.36
C LYS C 156 -2.61 -18.70 26.40
N ASN C 157 -1.88 -19.08 25.36
CA ASN C 157 -1.07 -20.29 25.43
C ASN C 157 0.21 -20.00 26.25
N PRO C 158 0.35 -20.61 27.45
CA PRO C 158 1.49 -20.23 28.31
C PRO C 158 2.87 -20.63 27.76
N LYS C 159 2.93 -21.41 26.68
CA LYS C 159 4.20 -21.74 26.07
C LYS C 159 4.64 -20.68 25.04
N VAL C 160 3.77 -19.71 24.74
CA VAL C 160 4.21 -18.62 23.86
C VAL C 160 4.96 -17.59 24.68
N LEU C 161 6.24 -17.38 24.38
CA LEU C 161 7.15 -16.50 25.14
C LEU C 161 7.10 -15.04 24.76
N GLY C 162 6.63 -14.75 23.55
CA GLY C 162 6.65 -13.37 23.08
C GLY C 162 6.91 -13.35 21.59
N VAL C 163 7.53 -12.28 21.06
CA VAL C 163 7.48 -12.00 19.59
C VAL C 163 8.83 -11.46 19.03
N KPI C 164 9.27 -11.97 17.86
CA KPI C 164 10.37 -11.35 17.07
CB KPI C 164 11.14 -12.32 16.17
CG KPI C 164 12.22 -11.64 15.25
CD KPI C 164 12.94 -12.66 14.34
CE KPI C 164 13.71 -12.01 13.16
NZ KPI C 164 14.30 -12.97 12.20
CX1 KPI C 164 15.33 -12.79 11.40
C1 KPI C 164 16.10 -11.47 11.39
CX2 KPI C 164 15.67 -13.86 10.44
O1 KPI C 164 16.53 -13.67 9.58
O2 KPI C 164 14.95 -14.89 10.44
C KPI C 164 9.67 -10.29 16.28
O KPI C 164 8.86 -10.64 15.40
N PHE C 165 9.90 -9.03 16.64
CA PHE C 165 9.22 -7.85 16.09
C PHE C 165 9.99 -7.34 14.86
N THR C 166 9.42 -7.43 13.68
CA THR C 166 10.10 -6.91 12.49
C THR C 166 9.34 -5.80 11.77
N ALA C 167 8.24 -5.29 12.33
CA ALA C 167 7.61 -4.09 11.73
C ALA C 167 8.31 -2.86 12.31
N GLY C 168 8.28 -1.72 11.62
CA GLY C 168 8.89 -0.51 12.17
C GLY C 168 7.87 0.33 12.96
N ASP C 169 6.93 -0.31 13.67
CA ASP C 169 5.81 0.39 14.32
C ASP C 169 6.13 0.44 15.80
N PHE C 170 6.74 1.54 16.22
CA PHE C 170 7.21 1.69 17.58
C PHE C 170 6.09 2.03 18.58
N TYR C 171 4.94 2.45 18.02
CA TYR C 171 3.71 2.64 18.79
C TYR C 171 3.20 1.26 19.23
N LEU C 172 2.92 0.39 18.27
CA LEU C 172 2.60 -0.99 18.61
C LEU C 172 3.63 -1.63 19.58
N LEU C 173 4.93 -1.42 19.34
CA LEU C 173 5.96 -2.05 20.25
C LEU C 173 5.78 -1.56 21.70
N GLU C 174 5.60 -0.26 21.87
CA GLU C 174 5.38 0.23 23.19
C GLU C 174 4.10 -0.34 23.80
N ARG C 175 3.04 -0.42 22.97
CA ARG C 175 1.72 -0.85 23.49
C ARG C 175 1.82 -2.35 23.91
N LEU C 176 2.52 -3.17 23.12
CA LEU C 176 2.75 -4.55 23.51
C LEU C 176 3.51 -4.72 24.85
N LYS C 177 4.52 -3.86 25.08
CA LYS C 177 5.31 -3.90 26.34
C LYS C 177 4.48 -3.46 27.47
N LYS C 178 3.66 -2.42 27.23
CA LYS C 178 2.75 -2.00 28.26
C LYS C 178 1.76 -3.10 28.62
N ALA C 179 1.19 -3.77 27.61
CA ALA C 179 0.07 -4.67 27.90
C ALA C 179 0.51 -6.00 28.50
N TYR C 180 1.65 -6.51 28.04
CA TYR C 180 2.12 -7.83 28.41
C TYR C 180 3.58 -7.73 28.93
N PRO C 181 3.77 -7.08 30.10
CA PRO C 181 5.14 -6.74 30.60
C PRO C 181 6.07 -7.95 30.83
N ASN C 182 5.49 -9.13 31.02
CA ASN C 182 6.25 -10.35 31.23
C ASN C 182 6.52 -11.15 29.95
N HIS C 183 5.97 -10.73 28.82
CA HIS C 183 6.28 -11.40 27.55
C HIS C 183 7.43 -10.69 26.88
N LEU C 184 8.24 -11.46 26.14
CA LEU C 184 9.51 -10.99 25.62
C LEU C 184 9.33 -10.38 24.21
N ILE C 185 10.14 -9.36 23.89
CA ILE C 185 10.24 -8.83 22.54
C ILE C 185 11.68 -8.81 22.06
N TRP C 186 11.91 -9.39 20.87
CA TRP C 186 13.20 -9.27 20.22
C TRP C 186 13.04 -8.37 19.02
N ALA C 187 13.90 -7.37 18.90
CA ALA C 187 13.86 -6.47 17.75
C ALA C 187 14.42 -7.20 16.54
N GLY C 188 13.84 -6.96 15.35
CA GLY C 188 14.25 -7.66 14.15
C GLY C 188 15.00 -6.78 13.14
N PHE C 189 15.00 -5.48 13.36
CA PHE C 189 15.60 -4.49 12.48
CA PHE C 189 15.66 -4.54 12.44
C PHE C 189 16.93 -3.96 13.07
N ASP C 190 18.08 -4.49 12.60
CA ASP C 190 19.42 -4.14 13.13
C ASP C 190 19.65 -2.63 13.10
N GLU C 191 19.15 -1.99 12.02
CA GLU C 191 19.40 -0.57 11.81
C GLU C 191 18.52 0.37 12.69
N MET C 192 17.60 -0.21 13.50
CA MET C 192 16.80 0.52 14.44
C MET C 192 16.96 -0.08 15.86
N MET C 193 18.15 -0.62 16.17
CA MET C 193 18.35 -1.31 17.42
C MET C 193 18.22 -0.32 18.63
N LEU C 194 18.94 0.80 18.56
CA LEU C 194 18.87 1.84 19.59
C LEU C 194 17.40 2.26 19.99
N PRO C 195 16.58 2.75 19.02
CA PRO C 195 15.17 3.12 19.44
C PRO C 195 14.39 1.97 20.04
N ALA C 196 14.66 0.77 19.57
CA ALA C 196 13.95 -0.42 20.07
C ALA C 196 14.41 -0.75 21.50
N ALA C 197 15.71 -0.65 21.75
CA ALA C 197 16.24 -0.90 23.09
C ALA C 197 15.75 0.13 24.06
N SER C 198 15.60 1.36 23.55
CA SER C 198 15.12 2.46 24.40
C SER C 198 13.72 2.21 24.91
N LEU C 199 12.95 1.37 24.23
CA LEU C 199 11.58 1.04 24.64
C LEU C 199 11.52 -0.27 25.44
N GLY C 200 12.67 -0.78 25.86
CA GLY C 200 12.72 -1.94 26.76
C GLY C 200 12.70 -3.30 26.09
N VAL C 201 13.06 -3.46 24.78
CA VAL C 201 13.04 -4.81 24.19
C VAL C 201 14.03 -5.68 24.94
N ASP C 202 13.81 -6.98 24.96
CA ASP C 202 14.65 -7.89 25.76
C ASP C 202 15.85 -8.43 24.99
N GLY C 203 15.90 -8.16 23.70
CA GLY C 203 16.89 -8.80 22.86
C GLY C 203 16.76 -8.40 21.38
N ALA C 204 17.64 -8.91 20.54
CA ALA C 204 17.57 -8.62 19.12
C ALA C 204 17.98 -9.86 18.38
N ILE C 205 17.35 -10.07 17.25
CA ILE C 205 17.71 -11.18 16.36
C ILE C 205 18.01 -10.54 15.03
N GLY C 206 19.26 -10.67 14.53
CA GLY C 206 19.65 -9.99 13.31
C GLY C 206 20.69 -10.63 12.43
N SER C 207 20.57 -10.36 11.12
CA SER C 207 21.45 -10.90 10.09
C SER C 207 22.81 -10.27 10.19
N THR C 208 22.87 -8.98 10.52
CA THR C 208 24.17 -8.27 10.51
C THR C 208 25.06 -8.65 11.71
N PHE C 209 24.47 -9.22 12.77
CA PHE C 209 25.29 -9.59 13.95
C PHE C 209 26.32 -10.69 13.57
N ASN C 210 26.15 -11.31 12.38
CA ASN C 210 27.09 -12.33 11.91
C ASN C 210 28.47 -11.74 11.70
N VAL C 211 28.53 -10.45 11.40
CA VAL C 211 29.80 -9.74 11.19
C VAL C 211 29.99 -8.54 12.08
N ASN C 212 28.90 -7.98 12.61
CA ASN C 212 28.95 -6.73 13.43
C ASN C 212 28.48 -6.94 14.91
N GLY C 213 28.59 -8.18 15.38
CA GLY C 213 28.05 -8.55 16.66
C GLY C 213 28.68 -7.77 17.84
N VAL C 214 29.93 -7.30 17.68
CA VAL C 214 30.56 -6.49 18.72
C VAL C 214 29.83 -5.16 18.90
N ARG C 215 29.74 -4.37 17.83
CA ARG C 215 28.96 -3.13 17.88
C ARG C 215 27.49 -3.39 18.29
N ALA C 216 26.87 -4.48 17.82
CA ALA C 216 25.42 -4.73 18.12
C ALA C 216 25.22 -4.82 19.65
N ARG C 217 26.12 -5.55 20.31
CA ARG C 217 26.05 -5.73 21.75
C ARG C 217 26.30 -4.40 22.44
N GLN C 218 27.31 -3.63 22.04
CA GLN C 218 27.54 -2.28 22.59
C GLN C 218 26.30 -1.36 22.52
N ILE C 219 25.66 -1.24 21.34
CA ILE C 219 24.46 -0.41 21.18
C ILE C 219 23.41 -0.87 22.19
N PHE C 220 23.13 -2.16 22.20
CA PHE C 220 22.09 -2.69 23.05
C PHE C 220 22.39 -2.41 24.56
N GLU C 221 23.57 -2.84 25.00
CA GLU C 221 23.91 -2.69 26.45
C GLU C 221 24.11 -1.23 26.87
N LEU C 222 24.75 -0.41 26.03
CA LEU C 222 24.88 1.01 26.36
C LEU C 222 23.50 1.67 26.45
N THR C 223 22.61 1.40 25.46
CA THR C 223 21.24 1.95 25.52
C THR C 223 20.53 1.59 26.81
N GLN C 224 20.55 0.32 27.18
CA GLN C 224 19.94 -0.11 28.44
C GLN C 224 20.53 0.55 29.70
N ALA C 225 21.80 0.92 29.66
CA ALA C 225 22.46 1.66 30.75
C ALA C 225 22.22 3.18 30.66
N GLY C 226 21.44 3.63 29.67
CA GLY C 226 21.22 5.07 29.52
C GLY C 226 22.39 5.90 28.95
N LYS C 227 23.42 5.26 28.40
CA LYS C 227 24.50 5.98 27.70
C LYS C 227 24.17 6.22 26.22
N LEU C 228 23.27 7.16 25.94
CA LEU C 228 22.65 7.31 24.62
C LEU C 228 23.61 7.94 23.66
N LYS C 229 24.44 8.84 24.17
CA LYS C 229 25.36 9.59 23.35
C LYS C 229 26.34 8.63 22.71
N GLU C 230 26.83 7.68 23.49
CA GLU C 230 27.76 6.71 22.97
C GLU C 230 27.06 5.65 22.10
N ALA C 231 25.87 5.24 22.53
CA ALA C 231 25.09 4.28 21.74
C ALA C 231 24.79 4.89 20.37
N LEU C 232 24.44 6.17 20.32
CA LEU C 232 24.08 6.79 19.06
C LEU C 232 25.27 6.80 18.09
N GLU C 233 26.47 7.09 18.61
CA GLU C 233 27.64 7.10 17.74
C GLU C 233 27.89 5.75 17.13
N ILE C 234 27.69 4.70 17.91
CA ILE C 234 27.95 3.36 17.45
C ILE C 234 26.84 2.87 16.47
N GLN C 235 25.61 3.32 16.71
CA GLN C 235 24.50 3.09 15.80
C GLN C 235 24.73 3.79 14.44
N HIS C 236 25.25 5.02 14.47
CA HIS C 236 25.65 5.76 13.24
C HIS C 236 26.63 5.00 12.36
N VAL C 237 27.70 4.49 12.99
CA VAL C 237 28.71 3.75 12.26
C VAL C 237 28.14 2.41 11.76
N THR C 238 27.38 1.76 12.61
CA THR C 238 26.68 0.52 12.28
C THR C 238 25.82 0.74 11.01
N ASN C 239 25.13 1.86 10.98
CA ASN C 239 24.18 2.12 9.92
C ASN C 239 24.86 2.54 8.64
N ASP C 240 26.04 3.15 8.74
CA ASP C 240 26.92 3.29 7.57
C ASP C 240 27.26 1.93 7.00
N LEU C 241 27.68 1.00 7.84
CA LEU C 241 27.95 -0.35 7.37
C LEU C 241 26.69 -1.00 6.73
N ILE C 242 25.55 -0.87 7.40
CA ILE C 242 24.34 -1.56 6.99
C ILE C 242 23.85 -0.97 5.67
N GLU C 243 23.94 0.37 5.51
CA GLU C 243 23.49 0.99 4.29
C GLU C 243 24.33 0.43 3.11
N GLY C 244 25.65 0.27 3.33
CA GLY C 244 26.49 -0.28 2.28
C GLY C 244 26.17 -1.73 2.01
N ILE C 245 26.04 -2.51 3.06
CA ILE C 245 25.65 -3.91 2.88
C ILE C 245 24.32 -4.02 2.08
N LEU C 246 23.37 -3.10 2.36
CA LEU C 246 22.04 -3.19 1.69
C LEU C 246 22.14 -2.86 0.18
N ALA C 247 22.91 -1.86 -0.16
CA ALA C 247 23.08 -1.38 -1.49
C ALA C 247 23.81 -2.44 -2.30
N ASN C 248 24.79 -3.10 -1.67
CA ASN C 248 25.62 -4.10 -2.37
C ASN C 248 24.95 -5.45 -2.50
N GLY C 249 23.88 -5.70 -1.74
CA GLY C 249 23.27 -7.04 -1.71
C GLY C 249 23.47 -7.72 -0.37
N LEU C 250 22.36 -7.79 0.37
CA LEU C 250 22.34 -8.13 1.80
C LEU C 250 23.08 -9.39 2.17
N TYR C 251 22.54 -10.53 1.73
CA TYR C 251 23.13 -11.80 2.20
C TYR C 251 24.55 -12.07 1.62
N LEU C 252 24.73 -11.72 0.36
CA LEU C 252 25.98 -11.96 -0.34
C LEU C 252 27.08 -11.17 0.34
N THR C 253 26.77 -9.93 0.77
CA THR C 253 27.79 -9.02 1.30
C THR C 253 28.22 -9.41 2.75
N ILE C 254 27.27 -9.87 3.55
CA ILE C 254 27.61 -10.40 4.87
C ILE C 254 28.46 -11.65 4.66
N LYS C 255 28.06 -12.52 3.72
CA LYS C 255 28.94 -13.68 3.45
C LYS C 255 30.35 -13.26 3.02
N GLU C 256 30.45 -12.25 2.17
CA GLU C 256 31.76 -11.81 1.68
C GLU C 256 32.59 -11.23 2.84
N LEU C 257 31.92 -10.58 3.81
CA LEU C 257 32.59 -10.00 4.97
C LEU C 257 33.06 -11.10 5.94
N LEU C 258 32.31 -12.19 6.02
CA LEU C 258 32.77 -13.40 6.71
C LEU C 258 34.01 -14.00 6.04
N LYS C 259 33.95 -14.15 4.70
CA LYS C 259 35.08 -14.70 3.92
C LYS C 259 36.36 -13.92 4.14
N LEU C 260 36.25 -12.60 4.17
CA LEU C 260 37.39 -11.76 4.42
C LEU C 260 38.00 -11.99 5.81
N ASP C 261 37.25 -12.63 6.72
CA ASP C 261 37.84 -13.04 8.01
C ASP C 261 38.17 -14.51 8.06
N GLY C 262 38.32 -15.15 6.91
CA GLY C 262 38.68 -16.57 6.85
C GLY C 262 37.55 -17.57 7.03
N VAL C 263 36.30 -17.09 7.09
CA VAL C 263 35.17 -18.01 7.26
C VAL C 263 34.65 -18.45 5.89
N GLU C 264 34.55 -19.74 5.60
CA GLU C 264 34.03 -20.09 4.25
C GLU C 264 32.50 -20.13 4.17
N ALA C 265 31.99 -18.94 4.04
CA ALA C 265 30.56 -18.70 4.14
C ALA C 265 29.86 -19.05 2.81
N GLY C 266 30.66 -19.34 1.77
CA GLY C 266 30.14 -19.93 0.55
C GLY C 266 29.25 -19.03 -0.33
N TYR C 267 28.43 -19.68 -1.14
CA TYR C 267 27.54 -19.02 -2.08
C TYR C 267 26.16 -18.75 -1.42
N CYS C 268 25.34 -17.91 -2.04
CA CYS C 268 23.88 -17.94 -1.75
C CYS C 268 23.18 -19.00 -2.59
N ARG C 269 21.93 -19.28 -2.23
CA ARG C 269 21.15 -20.35 -2.81
C ARG C 269 20.20 -19.75 -3.89
N GLU C 270 20.30 -20.27 -5.10
CA GLU C 270 19.29 -19.92 -6.13
C GLU C 270 17.88 -20.24 -5.65
N PRO C 271 16.89 -19.36 -5.97
CA PRO C 271 16.88 -18.28 -7.00
C PRO C 271 17.47 -16.90 -6.57
N MET C 272 18.00 -16.79 -5.35
N MET C 272 18.00 -16.79 -5.36
CA MET C 272 18.88 -15.65 -5.06
CA MET C 272 18.92 -15.66 -5.06
C MET C 272 20.14 -15.69 -5.94
C MET C 272 20.14 -15.70 -5.97
N THR C 273 20.73 -14.52 -6.22
CA THR C 273 21.97 -14.45 -7.02
C THR C 273 23.04 -15.13 -6.16
N LYS C 274 23.78 -16.06 -6.78
CA LYS C 274 24.68 -16.97 -6.08
C LYS C 274 25.96 -16.28 -5.57
N GLU C 275 26.48 -15.34 -6.34
CA GLU C 275 27.74 -14.72 -5.93
C GLU C 275 27.74 -13.25 -6.41
N LEU C 276 28.60 -12.42 -5.78
CA LEU C 276 28.73 -11.02 -6.11
C LEU C 276 29.42 -10.87 -7.45
N SER C 277 29.09 -9.83 -8.23
CA SER C 277 29.96 -9.44 -9.35
C SER C 277 31.33 -8.91 -8.76
N SER C 278 32.37 -8.87 -9.57
CA SER C 278 33.66 -8.41 -9.12
C SER C 278 33.65 -7.08 -8.48
N GLU C 279 32.96 -6.09 -9.08
CA GLU C 279 32.92 -4.76 -8.49
C GLU C 279 32.24 -4.70 -7.17
N LYS C 280 31.25 -5.56 -6.99
CA LYS C 280 30.60 -5.68 -5.69
C LYS C 280 31.50 -6.38 -4.65
N VAL C 281 32.38 -7.28 -5.10
CA VAL C 281 33.43 -7.85 -4.24
C VAL C 281 34.34 -6.74 -3.75
N ALA C 282 34.84 -5.93 -4.68
CA ALA C 282 35.69 -4.78 -4.37
C ALA C 282 34.96 -3.85 -3.39
N PHE C 283 33.66 -3.62 -3.61
CA PHE C 283 32.88 -2.76 -2.72
C PHE C 283 32.82 -3.34 -1.31
N ALA C 284 32.61 -4.63 -1.17
CA ALA C 284 32.61 -5.28 0.14
C ALA C 284 33.98 -5.18 0.82
N LYS C 285 35.03 -5.21 0.04
CA LYS C 285 36.37 -5.02 0.58
C LYS C 285 36.51 -3.66 1.17
N GLU C 286 36.02 -2.64 0.48
CA GLU C 286 36.03 -1.29 1.02
C GLU C 286 35.28 -1.21 2.34
N LEU C 287 34.14 -1.91 2.46
CA LEU C 287 33.32 -1.87 3.70
C LEU C 287 34.13 -2.53 4.82
N LYS C 288 34.83 -3.59 4.49
CA LYS C 288 35.60 -4.30 5.46
C LYS C 288 36.73 -3.35 5.98
N ALA C 289 37.44 -2.70 5.05
CA ALA C 289 38.48 -1.72 5.39
C ALA C 289 37.96 -0.56 6.29
N LYS C 290 36.78 0.00 5.99
CA LYS C 290 36.27 1.15 6.69
C LYS C 290 35.67 0.78 8.02
N TYR C 291 35.06 -0.39 8.16
CA TYR C 291 34.16 -0.59 9.29
C TYR C 291 34.53 -1.81 10.10
N LEU C 292 35.26 -2.73 9.51
CA LEU C 292 35.47 -3.99 10.21
C LEU C 292 36.93 -4.40 10.28
N SER C 293 37.82 -3.41 10.36
CA SER C 293 39.24 -3.72 10.49
C SER C 293 39.82 -3.12 11.74
N LYS D 2 15.80 33.52 17.62
CA LYS D 2 14.98 32.75 18.61
C LYS D 2 15.14 31.24 18.42
N ASN D 3 15.25 30.52 19.53
CA ASN D 3 15.60 29.10 19.57
C ASN D 3 14.37 28.28 19.23
N LEU D 4 14.51 27.34 18.29
CA LEU D 4 13.33 26.59 17.77
C LEU D 4 13.38 25.15 18.23
N LYS D 5 14.28 24.85 19.15
CA LYS D 5 14.31 23.50 19.74
C LYS D 5 13.22 23.30 20.78
N GLY D 6 12.95 22.05 21.14
CA GLY D 6 12.06 21.80 22.28
C GLY D 6 10.64 21.42 21.85
N ILE D 7 9.69 21.68 22.76
CA ILE D 7 8.30 21.20 22.70
C ILE D 7 7.38 22.26 22.09
N PHE D 8 6.67 21.92 21.01
CA PHE D 8 5.78 22.84 20.29
C PHE D 8 4.43 22.16 20.20
N SER D 9 3.36 22.84 20.63
CA SER D 9 2.05 22.33 20.42
C SER D 9 1.62 22.76 19.03
N ALA D 10 0.99 21.83 18.35
CA ALA D 10 0.37 22.15 17.09
C ALA D 10 -0.95 22.71 17.52
N LEU D 11 -1.11 24.01 17.33
CA LEU D 11 -2.28 24.74 17.89
C LEU D 11 -3.67 24.31 17.39
N LEU D 12 -4.57 23.91 18.29
CA LEU D 12 -6.00 23.63 17.96
C LEU D 12 -6.74 24.92 17.86
N VAL D 13 -7.84 24.97 17.10
CA VAL D 13 -8.51 26.23 16.93
C VAL D 13 -9.94 26.03 17.44
N SER D 14 -10.43 27.07 18.11
CA SER D 14 -11.82 27.07 18.58
C SER D 14 -12.79 27.59 17.47
N PHE D 15 -13.76 26.77 17.07
CA PHE D 15 -14.76 27.19 16.10
C PHE D 15 -16.14 27.29 16.77
N ASN D 16 -16.98 28.19 16.28
CA ASN D 16 -18.42 28.24 16.62
C ASN D 16 -19.21 27.16 15.89
N ALA D 17 -20.47 27.01 16.26
CA ALA D 17 -21.33 26.00 15.64
C ALA D 17 -21.45 26.19 14.13
N ASP D 18 -21.31 27.44 13.63
CA ASP D 18 -21.50 27.68 12.19
C ASP D 18 -20.13 27.56 11.49
N GLY D 19 -19.09 27.23 12.24
CA GLY D 19 -17.76 27.05 11.64
C GLY D 19 -16.84 28.26 11.63
N SER D 20 -17.31 29.41 12.08
CA SER D 20 -16.46 30.61 12.13
C SER D 20 -15.49 30.46 13.27
N ILE D 21 -14.36 31.17 13.16
N ILE D 21 -14.34 31.16 13.17
CA ILE D 21 -13.39 31.28 14.27
CA ILE D 21 -13.40 31.16 14.30
C ILE D 21 -14.02 31.86 15.55
C ILE D 21 -13.96 31.85 15.54
N ASN D 22 -13.80 31.21 16.70
CA ASN D 22 -14.13 31.84 17.97
C ASN D 22 -12.87 32.46 18.58
N GLU D 23 -12.72 33.78 18.41
CA GLU D 23 -11.48 34.47 18.79
C GLU D 23 -11.17 34.33 20.28
N LYS D 24 -12.19 34.45 21.11
CA LYS D 24 -12.03 34.33 22.55
C LYS D 24 -11.51 32.93 22.92
N GLY D 25 -12.14 31.89 22.38
CA GLY D 25 -11.67 30.52 22.65
C GLY D 25 -10.26 30.21 22.11
N LEU D 26 -9.97 30.68 20.90
CA LEU D 26 -8.60 30.57 20.38
C LEU D 26 -7.52 31.21 21.30
N ARG D 27 -7.83 32.39 21.83
CA ARG D 27 -6.90 33.07 22.76
C ARG D 27 -6.72 32.25 24.05
N GLN D 28 -7.82 31.67 24.54
CA GLN D 28 -7.73 30.78 25.74
C GLN D 28 -6.82 29.58 25.48
N ILE D 29 -6.96 28.97 24.29
CA ILE D 29 -6.14 27.81 23.91
C ILE D 29 -4.67 28.25 23.88
N VAL D 30 -4.39 29.37 23.24
CA VAL D 30 -3.04 29.92 23.20
C VAL D 30 -2.47 30.10 24.62
N ARG D 31 -3.26 30.77 25.46
CA ARG D 31 -2.86 31.08 26.81
C ARG D 31 -2.59 29.81 27.58
N TYR D 32 -3.48 28.83 27.43
CA TYR D 32 -3.34 27.59 28.16
C TYR D 32 -2.05 26.84 27.81
N ASN D 33 -1.72 26.75 26.51
CA ASN D 33 -0.45 26.16 26.09
C ASN D 33 0.76 26.87 26.65
N ILE D 34 0.75 28.20 26.60
CA ILE D 34 1.86 29.00 27.15
C ILE D 34 2.00 28.89 28.68
N ASP D 35 0.90 29.06 29.43
CA ASP D 35 0.99 29.18 30.89
C ASP D 35 0.85 27.88 31.65
N LYS D 36 0.05 26.96 31.12
CA LYS D 36 -0.18 25.70 31.80
C LYS D 36 0.61 24.55 31.17
N MET D 37 0.64 24.49 29.84
CA MET D 37 1.38 23.39 29.23
C MET D 37 2.90 23.69 29.22
N LYS D 38 3.24 24.97 29.39
CA LYS D 38 4.62 25.43 29.35
C LYS D 38 5.42 24.96 28.13
N VAL D 39 4.85 25.17 26.94
CA VAL D 39 5.47 24.81 25.69
C VAL D 39 6.59 25.80 25.37
N ASP D 40 7.62 25.36 24.64
CA ASP D 40 8.57 26.30 24.02
C ASP D 40 8.00 27.13 22.88
N GLY D 41 7.01 26.61 22.18
CA GLY D 41 6.46 27.34 21.06
C GLY D 41 5.17 26.75 20.55
N LEU D 42 4.60 27.43 19.58
CA LEU D 42 3.39 26.96 18.92
C LEU D 42 3.61 26.79 17.42
N TYR D 43 3.02 25.76 16.87
CA TYR D 43 3.08 25.49 15.45
C TYR D 43 1.66 25.77 14.95
N VAL D 44 1.52 26.84 14.15
CA VAL D 44 0.19 27.38 13.81
C VAL D 44 -0.20 27.11 12.34
N GLY D 45 -1.46 26.76 12.12
CA GLY D 45 -1.91 26.44 10.75
C GLY D 45 -1.56 25.07 10.19
N GLY D 46 -1.20 24.15 11.09
CA GLY D 46 -1.00 22.75 10.75
C GLY D 46 -2.28 21.95 10.64
N SER D 47 -2.13 20.65 10.38
CA SER D 47 -3.24 19.70 10.33
C SER D 47 -4.15 19.80 11.57
N THR D 48 -3.52 19.91 12.75
CA THR D 48 -4.22 19.98 14.03
C THR D 48 -5.11 21.21 14.15
N GLY D 49 -4.67 22.30 13.55
CA GLY D 49 -5.46 23.50 13.51
C GLY D 49 -6.64 23.47 12.53
N GLU D 50 -6.93 22.30 11.98
CA GLU D 50 -8.00 22.14 10.94
C GLU D 50 -7.81 23.04 9.71
N ASN D 51 -6.57 23.44 9.51
CA ASN D 51 -6.17 24.43 8.54
C ASN D 51 -6.75 24.13 7.14
N PHE D 52 -6.72 22.86 6.74
CA PHE D 52 -6.94 22.58 5.35
C PHE D 52 -8.41 22.61 4.96
N MET D 53 -9.27 22.85 5.96
CA MET D 53 -10.71 23.00 5.78
C MET D 53 -11.18 24.45 5.73
N LEU D 54 -10.25 25.41 5.79
CA LEU D 54 -10.54 26.84 6.02
C LEU D 54 -10.19 27.72 4.81
N SER D 55 -10.70 28.93 4.78
CA SER D 55 -10.43 29.87 3.68
C SER D 55 -9.08 30.58 3.94
N THR D 56 -8.52 31.19 2.89
CA THR D 56 -7.31 32.02 3.06
C THR D 56 -7.47 33.09 4.15
N GLU D 57 -8.62 33.75 4.12
CA GLU D 57 -8.94 34.77 5.13
C GLU D 57 -8.98 34.20 6.58
N GLU D 58 -9.60 33.04 6.76
CA GLU D 58 -9.63 32.43 8.06
C GLU D 58 -8.23 32.05 8.55
N LYS D 59 -7.38 31.54 7.65
CA LYS D 59 -6.00 31.22 8.02
C LYS D 59 -5.23 32.46 8.45
N LYS D 60 -5.39 33.55 7.69
CA LYS D 60 -4.76 34.82 8.13
C LYS D 60 -5.26 35.27 9.51
N GLU D 61 -6.56 35.14 9.74
CA GLU D 61 -7.17 35.53 10.98
C GLU D 61 -6.52 34.74 12.11
N ILE D 62 -6.31 33.44 11.91
CA ILE D 62 -5.74 32.61 12.96
C ILE D 62 -4.30 33.00 13.22
N PHE D 63 -3.54 33.27 12.15
CA PHE D 63 -2.13 33.67 12.34
C PHE D 63 -2.01 34.94 13.16
N ARG D 64 -2.90 35.88 12.85
CA ARG D 64 -2.95 37.19 13.51
CA ARG D 64 -2.96 37.17 13.49
C ARG D 64 -3.27 37.04 14.99
N ILE D 65 -4.30 36.25 15.28
CA ILE D 65 -4.76 36.13 16.66
C ILE D 65 -3.72 35.43 17.53
N ALA D 66 -3.17 34.33 17.00
CA ALA D 66 -2.18 33.56 17.73
C ALA D 66 -0.96 34.42 18.09
N LYS D 67 -0.47 35.20 17.11
CA LYS D 67 0.70 36.03 17.27
C LYS D 67 0.37 37.11 18.30
N ASP D 68 -0.74 37.81 18.09
CA ASP D 68 -1.21 38.84 19.02
C ASP D 68 -1.27 38.39 20.47
N GLU D 69 -1.72 37.15 20.71
CA GLU D 69 -1.93 36.66 22.07
C GLU D 69 -0.65 36.16 22.71
N ALA D 70 0.22 35.56 21.89
CA ALA D 70 1.49 35.01 22.33
C ALA D 70 2.56 36.09 22.49
N LYS D 71 2.48 37.14 21.67
CA LYS D 71 3.48 38.22 21.58
C LYS D 71 4.84 37.60 21.36
N ASP D 72 5.75 37.86 22.29
CA ASP D 72 7.12 37.38 22.21
C ASP D 72 7.54 36.44 23.32
N GLU D 73 6.57 35.85 24.03
CA GLU D 73 6.86 34.93 25.14
C GLU D 73 7.38 33.56 24.67
N ILE D 74 7.02 33.14 23.47
CA ILE D 74 7.41 31.81 22.93
C ILE D 74 7.78 31.93 21.46
N ALA D 75 8.38 30.88 20.94
CA ALA D 75 8.61 30.75 19.50
C ALA D 75 7.32 30.43 18.77
N LEU D 76 7.20 30.95 17.56
CA LEU D 76 6.05 30.59 16.71
C LEU D 76 6.47 30.17 15.31
N ILE D 77 5.95 29.05 14.87
CA ILE D 77 6.19 28.60 13.47
C ILE D 77 4.85 28.60 12.73
N ALA D 78 4.83 29.11 11.50
CA ALA D 78 3.61 29.21 10.69
C ALA D 78 3.62 28.26 9.49
N GLN D 79 2.66 27.35 9.49
CA GLN D 79 2.51 26.40 8.41
C GLN D 79 1.67 27.09 7.35
N VAL D 80 2.22 27.22 6.16
CA VAL D 80 1.61 28.00 5.10
C VAL D 80 1.46 27.21 3.79
N GLY D 81 1.79 25.93 3.82
CA GLY D 81 1.73 25.09 2.68
C GLY D 81 0.33 24.86 2.15
N SER D 82 0.28 24.47 0.87
CA SER D 82 -1.00 24.37 0.17
C SER D 82 -0.72 23.76 -1.21
N VAL D 83 -1.74 23.19 -1.84
CA VAL D 83 -1.63 22.78 -3.26
C VAL D 83 -1.52 24.04 -4.15
N ASN D 84 -2.07 25.14 -3.65
CA ASN D 84 -1.98 26.43 -4.31
C ASN D 84 -0.73 27.21 -3.85
N LEU D 85 0.27 27.33 -4.75
CA LEU D 85 1.55 27.99 -4.38
C LEU D 85 1.35 29.48 -4.16
N GLN D 86 0.48 30.08 -4.96
CA GLN D 86 0.14 31.51 -4.74
C GLN D 86 -0.48 31.79 -3.36
N GLU D 87 -1.38 30.92 -2.91
CA GLU D 87 -1.91 31.05 -1.57
C GLU D 87 -0.77 30.89 -0.56
N ALA D 88 0.13 29.92 -0.78
CA ALA D 88 1.21 29.63 0.15
C ALA D 88 2.15 30.87 0.33
N ILE D 89 2.45 31.55 -0.77
CA ILE D 89 3.30 32.76 -0.79
C ILE D 89 2.61 33.94 -0.06
N GLU D 90 1.34 34.13 -0.37
CA GLU D 90 0.55 35.13 0.30
C GLU D 90 0.50 34.85 1.81
N LEU D 91 0.24 33.60 2.22
CA LEU D 91 0.25 33.28 3.63
C LEU D 91 1.63 33.45 4.24
N GLY D 92 2.65 33.00 3.51
CA GLY D 92 4.04 33.11 3.98
C GLY D 92 4.43 34.56 4.21
N LYS D 93 4.14 35.43 3.25
CA LYS D 93 4.45 36.87 3.44
C LYS D 93 3.69 37.43 4.62
N TYR D 94 2.41 37.06 4.77
CA TYR D 94 1.61 37.58 5.91
C TYR D 94 2.15 37.18 7.28
N ALA D 95 2.46 35.87 7.44
CA ALA D 95 3.04 35.35 8.68
C ALA D 95 4.41 35.94 8.93
N THR D 96 5.20 36.13 7.87
CA THR D 96 6.52 36.76 7.99
C THR D 96 6.37 38.20 8.51
N GLU D 97 5.43 38.94 7.92
CA GLU D 97 5.16 40.31 8.38
C GLU D 97 4.71 40.37 9.83
N LEU D 98 3.91 39.39 10.26
CA LEU D 98 3.49 39.32 11.67
C LEU D 98 4.64 38.99 12.63
N GLY D 99 5.75 38.46 12.10
CA GLY D 99 6.93 38.19 12.93
C GLY D 99 7.09 36.74 13.38
N TYR D 100 6.54 35.79 12.61
CA TYR D 100 6.69 34.33 12.90
C TYR D 100 8.18 33.94 12.72
N ASP D 101 8.66 33.04 13.56
CA ASP D 101 10.12 32.84 13.61
C ASP D 101 10.55 31.93 12.48
N SER D 102 9.61 31.16 11.95
CA SER D 102 9.92 30.38 10.76
C SER D 102 8.59 30.10 10.06
N LEU D 103 8.71 29.83 8.77
CA LEU D 103 7.66 29.20 8.05
C LEU D 103 7.85 27.69 8.06
N SER D 104 6.76 27.00 7.72
CA SER D 104 6.77 25.59 7.50
C SER D 104 5.76 25.34 6.35
N ALA D 105 5.97 24.31 5.56
CA ALA D 105 5.02 24.00 4.46
C ALA D 105 4.97 22.53 4.13
N VAL D 106 3.76 21.95 4.21
CA VAL D 106 3.51 20.59 3.78
C VAL D 106 3.98 20.48 2.32
N THR D 107 4.45 19.30 1.94
CA THR D 107 4.80 19.06 0.55
C THR D 107 3.48 19.14 -0.26
N PRO D 108 3.48 19.77 -1.44
CA PRO D 108 2.20 19.85 -2.15
C PRO D 108 1.56 18.46 -2.44
N PHE D 109 0.24 18.39 -2.33
CA PHE D 109 -0.44 17.10 -2.33
C PHE D 109 -1.60 17.05 -3.36
N TYR D 110 -2.44 16.00 -3.25
CA TYR D 110 -3.46 15.71 -4.26
C TYR D 110 -2.82 15.23 -5.59
N TYR D 111 -2.28 16.15 -6.40
CA TYR D 111 -1.51 15.78 -7.59
C TYR D 111 -0.21 15.11 -7.21
N LYS D 112 0.32 14.29 -8.13
CA LYS D 112 1.61 13.66 -7.92
C LYS D 112 2.76 14.52 -8.45
N PHE D 113 3.30 15.39 -7.62
CA PHE D 113 4.39 16.29 -8.03
C PHE D 113 5.75 15.62 -8.06
N SER D 114 6.58 15.97 -9.05
CA SER D 114 7.96 15.47 -9.14
C SER D 114 8.82 16.12 -8.04
N PHE D 115 9.97 15.53 -7.76
CA PHE D 115 10.84 16.13 -6.77
C PHE D 115 11.29 17.55 -7.14
N PRO D 116 11.66 17.78 -8.43
CA PRO D 116 12.09 19.14 -8.74
C PRO D 116 10.94 20.16 -8.64
N GLU D 117 9.70 19.76 -8.91
CA GLU D 117 8.53 20.62 -8.56
C GLU D 117 8.43 20.94 -7.04
N ILE D 118 8.58 19.93 -6.21
CA ILE D 118 8.59 20.09 -4.76
C ILE D 118 9.68 21.07 -4.33
N LYS D 119 10.91 20.91 -4.85
CA LYS D 119 12.02 21.77 -4.45
C LYS D 119 11.71 23.20 -4.93
N HIS D 120 11.19 23.32 -6.14
CA HIS D 120 10.87 24.64 -6.68
C HIS D 120 9.77 25.35 -5.85
N TYR D 121 8.79 24.59 -5.41
CA TYR D 121 7.76 25.08 -4.46
C TYR D 121 8.36 25.66 -3.16
N TYR D 122 9.24 24.90 -2.50
CA TYR D 122 9.92 25.40 -1.30
C TYR D 122 10.78 26.63 -1.55
N ASP D 123 11.54 26.62 -2.65
CA ASP D 123 12.41 27.74 -3.02
C ASP D 123 11.65 29.02 -3.35
N SER D 124 10.47 28.86 -3.97
CA SER D 124 9.61 29.98 -4.28
C SER D 124 9.00 30.66 -3.05
N ILE D 125 8.59 29.86 -2.07
CA ILE D 125 8.06 30.40 -0.84
C ILE D 125 9.19 31.14 -0.09
N ILE D 126 10.38 30.52 -0.02
CA ILE D 126 11.54 31.12 0.66
C ILE D 126 11.92 32.43 0.00
N GLU D 127 11.99 32.42 -1.32
CA GLU D 127 12.39 33.60 -2.05
C GLU D 127 11.39 34.74 -1.85
N ALA D 128 10.10 34.43 -1.86
CA ALA D 128 9.09 35.48 -1.84
C ALA D 128 8.95 36.08 -0.45
N THR D 129 9.35 35.33 0.57
CA THR D 129 9.14 35.75 1.95
C THR D 129 10.42 36.20 2.65
N GLY D 130 11.56 35.61 2.28
CA GLY D 130 12.85 35.89 2.96
C GLY D 130 12.95 35.14 4.27
N ASN D 131 11.95 34.32 4.60
CA ASN D 131 11.90 33.68 5.93
C ASN D 131 12.52 32.27 5.86
N TYR D 132 12.92 31.74 7.02
CA TYR D 132 13.24 30.33 7.22
C TYR D 132 12.08 29.39 6.93
N MET D 133 12.44 28.15 6.58
CA MET D 133 11.47 27.13 6.16
C MET D 133 11.75 25.81 6.86
N ILE D 134 10.68 25.19 7.36
CA ILE D 134 10.77 23.85 7.90
C ILE D 134 9.95 23.01 6.96
N VAL D 135 10.56 21.95 6.41
CA VAL D 135 9.95 21.02 5.48
C VAL D 135 9.05 20.11 6.27
N TYR D 136 7.81 19.96 5.80
CA TYR D 136 6.76 19.27 6.59
C TYR D 136 6.46 18.00 5.86
N SER D 137 6.81 16.92 6.55
CA SER D 137 6.77 15.56 6.04
C SER D 137 5.68 14.68 6.74
N ILE D 138 4.53 14.45 6.07
CA ILE D 138 3.46 13.65 6.65
C ILE D 138 2.98 12.60 5.59
N PRO D 139 3.78 11.51 5.43
CA PRO D 139 3.51 10.56 4.34
C PRO D 139 2.18 9.81 4.49
N PHE D 140 1.71 9.60 5.73
CA PHE D 140 0.45 8.86 5.91
C PHE D 140 -0.80 9.68 5.46
N LEU D 141 -0.68 11.00 5.48
CA LEU D 141 -1.73 11.85 4.90
C LEU D 141 -1.49 12.19 3.41
N THR D 142 -0.22 12.48 3.06
CA THR D 142 0.17 12.95 1.72
C THR D 142 0.47 11.85 0.64
N GLY D 143 0.90 10.67 1.07
CA GLY D 143 1.47 9.64 0.18
C GLY D 143 2.85 10.01 -0.40
N VAL D 144 3.43 11.12 0.08
CA VAL D 144 4.76 11.63 -0.38
C VAL D 144 5.95 11.15 0.48
N ASN D 145 6.93 10.50 -0.17
CA ASN D 145 8.16 9.92 0.48
C ASN D 145 9.51 10.48 -0.04
N ILE D 146 10.17 11.33 0.77
CA ILE D 146 11.45 12.01 0.37
C ILE D 146 12.69 11.32 0.98
N GLY D 147 13.72 11.01 0.18
CA GLY D 147 14.94 10.34 0.71
C GLY D 147 16.05 11.26 1.18
N VAL D 148 17.10 10.66 1.76
CA VAL D 148 18.22 11.41 2.34
C VAL D 148 18.83 12.36 1.29
N GLU D 149 19.07 11.85 0.07
CA GLU D 149 19.67 12.68 -0.99
C GLU D 149 18.76 13.83 -1.38
N GLN D 150 17.47 13.56 -1.48
CA GLN D 150 16.52 14.60 -1.82
C GLN D 150 16.47 15.67 -0.71
N PHE D 151 16.54 15.24 0.55
CA PHE D 151 16.63 16.20 1.67
C PHE D 151 17.90 17.07 1.51
N GLY D 152 18.99 16.47 1.01
CA GLY D 152 20.22 17.23 0.78
C GLY D 152 20.01 18.30 -0.28
N GLU D 153 19.27 17.98 -1.34
CA GLU D 153 18.99 18.97 -2.39
C GLU D 153 18.16 20.14 -1.83
N LEU D 154 17.15 19.82 -1.01
CA LEU D 154 16.38 20.85 -0.30
C LEU D 154 17.25 21.70 0.61
N TYR D 155 18.23 21.06 1.27
CA TYR D 155 19.11 21.74 2.23
C TYR D 155 20.18 22.60 1.58
N LYS D 156 20.31 22.51 0.25
CA LYS D 156 21.14 23.49 -0.48
C LYS D 156 20.65 24.94 -0.32
N ASN D 157 19.35 25.12 -0.10
CA ASN D 157 18.84 26.43 0.27
C ASN D 157 19.16 26.67 1.73
N PRO D 158 20.04 27.66 2.05
CA PRO D 158 20.45 27.84 3.46
C PRO D 158 19.34 28.32 4.41
N LYS D 159 18.20 28.75 3.87
CA LYS D 159 17.07 29.13 4.72
C LYS D 159 16.27 27.91 5.17
N VAL D 160 16.57 26.72 4.62
CA VAL D 160 15.83 25.52 5.08
C VAL D 160 16.51 24.96 6.31
N LEU D 161 15.79 24.96 7.44
CA LEU D 161 16.36 24.64 8.76
C LEU D 161 16.34 23.16 9.07
N GLY D 162 15.42 22.44 8.45
CA GLY D 162 15.24 21.03 8.83
C GLY D 162 13.84 20.57 8.49
N VAL D 163 13.37 19.54 9.21
CA VAL D 163 12.15 18.79 8.82
C VAL D 163 11.29 18.43 10.08
N KPI D 164 9.94 18.63 9.97
CA KPI D 164 8.92 18.05 10.88
CB KPI D 164 7.64 18.87 11.00
CG KPI D 164 6.56 18.20 11.92
CD KPI D 164 5.25 18.99 11.95
CE KPI D 164 4.05 18.17 12.51
NZ KPI D 164 2.75 18.90 12.45
CX1 KPI D 164 1.68 18.68 13.19
C1 KPI D 164 1.76 17.64 14.28
CX2 KPI D 164 0.42 19.39 12.83
O1 KPI D 164 -0.64 19.11 13.39
O2 KPI D 164 0.39 20.17 11.86
C KPI D 164 8.67 16.65 10.34
O KPI D 164 8.11 16.53 9.28
N PHE D 165 9.21 15.61 11.00
CA PHE D 165 9.24 14.21 10.55
C PHE D 165 7.97 13.52 11.07
N THR D 166 7.07 13.11 10.19
CA THR D 166 5.86 12.43 10.62
C THR D 166 5.76 11.01 10.11
N ALA D 167 6.79 10.49 9.41
CA ALA D 167 6.78 9.08 9.04
C ALA D 167 7.31 8.30 10.25
N GLY D 168 6.98 7.01 10.34
CA GLY D 168 7.49 6.18 11.42
C GLY D 168 8.80 5.45 11.02
N ASP D 169 9.54 6.02 10.08
CA ASP D 169 10.80 5.39 9.58
C ASP D 169 12.00 5.87 10.43
N PHE D 170 12.36 5.11 11.44
CA PHE D 170 13.46 5.48 12.30
C PHE D 170 14.84 5.19 11.71
N TYR D 171 14.89 4.31 10.70
CA TYR D 171 16.10 4.16 9.86
C TYR D 171 16.40 5.47 9.13
N LEU D 172 15.47 5.98 8.31
CA LEU D 172 15.59 7.31 7.72
C LEU D 172 15.91 8.45 8.73
N LEU D 173 15.18 8.52 9.85
CA LEU D 173 15.49 9.50 10.86
C LEU D 173 16.98 9.46 11.25
N GLU D 174 17.48 8.28 11.59
CA GLU D 174 18.89 8.18 11.95
C GLU D 174 19.82 8.58 10.76
N ARG D 175 19.42 8.18 9.55
CA ARG D 175 20.25 8.49 8.36
C ARG D 175 20.30 10.00 8.14
N LEU D 176 19.16 10.69 8.31
CA LEU D 176 19.13 12.16 8.14
C LEU D 176 20.01 12.94 9.16
N LYS D 177 20.02 12.44 10.41
CA LYS D 177 20.85 13.03 11.46
C LYS D 177 22.28 12.79 11.22
N LYS D 178 22.62 11.59 10.74
CA LYS D 178 24.02 11.34 10.38
C LYS D 178 24.48 12.21 9.21
N ALA D 179 23.62 12.39 8.19
CA ALA D 179 24.07 13.06 6.95
C ALA D 179 24.11 14.59 7.11
N TYR D 180 23.17 15.14 7.88
CA TYR D 180 23.03 16.57 8.03
C TYR D 180 22.93 16.94 9.52
N PRO D 181 24.07 16.74 10.28
CA PRO D 181 24.07 16.87 11.74
C PRO D 181 23.64 18.27 12.24
N ASN D 182 23.82 19.30 11.42
CA ASN D 182 23.46 20.67 11.79
C ASN D 182 22.02 21.06 11.36
N HIS D 183 21.35 20.16 10.67
CA HIS D 183 19.96 20.45 10.35
C HIS D 183 19.01 19.88 11.42
N LEU D 184 17.90 20.55 11.64
CA LEU D 184 17.06 20.19 12.78
C LEU D 184 16.02 19.16 12.40
N ILE D 185 15.62 18.32 13.37
CA ILE D 185 14.49 17.40 13.23
C ILE D 185 13.54 17.57 14.42
N TRP D 186 12.25 17.81 14.10
CA TRP D 186 11.16 17.75 15.07
C TRP D 186 10.33 16.47 14.82
N ALA D 187 10.16 15.65 15.85
CA ALA D 187 9.31 14.47 15.76
C ALA D 187 7.87 14.88 15.65
N GLY D 188 7.08 14.17 14.83
CA GLY D 188 5.67 14.56 14.58
C GLY D 188 4.65 13.64 15.27
N PHE D 189 5.13 12.55 15.87
CA PHE D 189 4.33 11.45 16.37
CA PHE D 189 4.24 11.48 16.38
C PHE D 189 4.47 11.41 17.91
N ASP D 190 3.50 11.98 18.66
CA ASP D 190 3.59 12.09 20.15
C ASP D 190 3.80 10.73 20.85
N GLU D 191 3.15 9.69 20.31
CA GLU D 191 3.16 8.37 20.92
C GLU D 191 4.51 7.64 20.61
N MET D 192 5.42 8.24 19.81
CA MET D 192 6.74 7.64 19.59
C MET D 192 7.85 8.62 20.01
N MET D 193 7.51 9.50 20.91
CA MET D 193 8.43 10.56 21.33
C MET D 193 9.76 10.01 21.93
N LEU D 194 9.63 9.02 22.82
CA LEU D 194 10.83 8.42 23.47
C LEU D 194 11.87 7.84 22.45
N PRO D 195 11.43 6.91 21.54
CA PRO D 195 12.44 6.40 20.57
C PRO D 195 13.01 7.52 19.71
N ALA D 196 12.18 8.52 19.36
CA ALA D 196 12.68 9.61 18.52
C ALA D 196 13.74 10.45 19.24
N ALA D 197 13.50 10.75 20.52
CA ALA D 197 14.42 11.53 21.30
C ALA D 197 15.71 10.74 21.52
N SER D 198 15.59 9.41 21.66
CA SER D 198 16.78 8.53 21.75
C SER D 198 17.72 8.65 20.58
N LEU D 199 17.20 9.00 19.38
CA LEU D 199 18.02 9.22 18.18
C LEU D 199 18.51 10.67 18.00
N GLY D 200 18.31 11.49 19.02
CA GLY D 200 18.74 12.90 19.00
C GLY D 200 17.89 13.91 18.21
N VAL D 201 16.55 13.76 18.11
CA VAL D 201 15.75 14.83 17.48
C VAL D 201 15.90 16.09 18.33
N ASP D 202 15.65 17.25 17.74
CA ASP D 202 15.86 18.49 18.43
C ASP D 202 14.60 19.04 19.16
N GLY D 203 13.45 18.40 18.94
CA GLY D 203 12.20 18.93 19.34
C GLY D 203 11.08 18.00 18.92
N ALA D 204 9.84 18.37 19.27
CA ALA D 204 8.66 17.64 18.87
C ALA D 204 7.59 18.67 18.58
N ILE D 205 6.77 18.43 17.56
CA ILE D 205 5.59 19.26 17.31
C ILE D 205 4.40 18.31 17.42
N GLY D 206 3.44 18.58 18.32
CA GLY D 206 2.33 17.64 18.49
C GLY D 206 1.00 18.17 18.97
N SER D 207 -0.05 17.50 18.52
CA SER D 207 -1.43 17.81 18.86
C SER D 207 -1.72 17.51 20.34
N THR D 208 -1.19 16.43 20.89
CA THR D 208 -1.53 16.11 22.27
C THR D 208 -0.85 17.01 23.27
N PHE D 209 0.18 17.76 22.89
CA PHE D 209 0.84 18.61 23.88
C PHE D 209 -0.13 19.73 24.39
N ASN D 210 -1.23 19.98 23.64
CA ASN D 210 -2.28 20.94 24.03
C ASN D 210 -2.81 20.58 25.41
N VAL D 211 -2.77 19.29 25.78
CA VAL D 211 -3.33 18.84 27.08
C VAL D 211 -2.35 18.02 27.91
N ASN D 212 -1.27 17.54 27.28
CA ASN D 212 -0.35 16.63 27.97
C ASN D 212 1.11 17.17 27.87
N GLY D 213 1.25 18.48 27.81
CA GLY D 213 2.53 19.06 27.56
C GLY D 213 3.48 18.80 28.77
N VAL D 214 2.95 18.54 29.96
CA VAL D 214 3.82 18.37 31.18
C VAL D 214 4.54 17.03 31.03
N ARG D 215 3.78 15.95 30.80
CA ARG D 215 4.39 14.67 30.45
C ARG D 215 5.25 14.72 29.19
N ALA D 216 4.86 15.46 28.16
CA ALA D 216 5.67 15.42 26.88
C ALA D 216 7.09 15.99 27.17
N ARG D 217 7.16 17.07 27.91
CA ARG D 217 8.46 17.68 28.20
C ARG D 217 9.32 16.73 29.06
N GLN D 218 8.70 16.06 30.03
CA GLN D 218 9.41 15.09 30.88
C GLN D 218 10.00 13.93 30.06
N ILE D 219 9.20 13.33 29.16
CA ILE D 219 9.68 12.26 28.29
C ILE D 219 10.92 12.75 27.52
N PHE D 220 10.78 13.90 26.87
CA PHE D 220 11.79 14.44 26.02
C PHE D 220 13.09 14.73 26.85
N GLU D 221 12.99 15.50 27.93
CA GLU D 221 14.17 15.86 28.74
C GLU D 221 14.80 14.67 29.52
N LEU D 222 13.95 13.81 30.08
CA LEU D 222 14.47 12.58 30.68
C LEU D 222 15.22 11.70 29.65
N THR D 223 14.63 11.50 28.46
CA THR D 223 15.32 10.74 27.41
C THR D 223 16.72 11.33 27.10
N GLN D 224 16.78 12.63 26.86
CA GLN D 224 18.03 13.25 26.51
C GLN D 224 19.05 13.22 27.66
N ALA D 225 18.59 13.02 28.89
CA ALA D 225 19.53 12.86 30.01
C ALA D 225 19.89 11.38 30.22
N GLY D 226 19.35 10.49 29.40
CA GLY D 226 19.59 9.07 29.55
C GLY D 226 18.83 8.37 30.68
N LYS D 227 17.84 9.04 31.29
CA LYS D 227 16.95 8.39 32.25
C LYS D 227 15.78 7.65 31.59
N LEU D 228 16.09 6.49 31.00
CA LEU D 228 15.17 5.80 30.10
C LEU D 228 14.03 5.13 30.85
N LYS D 229 14.39 4.51 31.97
CA LYS D 229 13.45 3.80 32.80
C LYS D 229 12.29 4.72 33.22
N GLU D 230 12.61 5.93 33.65
CA GLU D 230 11.58 6.91 33.99
C GLU D 230 10.87 7.49 32.77
N ALA D 231 11.61 7.75 31.70
CA ALA D 231 10.98 8.24 30.46
C ALA D 231 9.96 7.24 29.95
N LEU D 232 10.34 5.96 30.00
CA LEU D 232 9.49 4.86 29.50
C LEU D 232 8.17 4.78 30.26
N GLU D 233 8.24 4.92 31.59
CA GLU D 233 7.00 4.90 32.40
C GLU D 233 6.05 5.99 32.02
N ILE D 234 6.57 7.18 31.81
CA ILE D 234 5.75 8.30 31.49
C ILE D 234 5.19 8.15 30.04
N GLN D 235 6.00 7.59 29.14
CA GLN D 235 5.57 7.32 27.78
C GLN D 235 4.42 6.31 27.81
N HIS D 236 4.51 5.31 28.70
CA HIS D 236 3.42 4.32 28.85
C HIS D 236 2.11 4.93 29.25
N VAL D 237 2.12 5.78 30.29
CA VAL D 237 0.87 6.48 30.72
C VAL D 237 0.39 7.40 29.61
N THR D 238 1.34 8.12 29.00
CA THR D 238 1.03 8.99 27.86
C THR D 238 0.29 8.20 26.78
N ASN D 239 0.79 7.02 26.46
CA ASN D 239 0.18 6.27 25.37
C ASN D 239 -1.12 5.64 25.76
N ASP D 240 -1.35 5.38 27.06
CA ASP D 240 -2.73 5.06 27.48
C ASP D 240 -3.68 6.23 27.14
N LEU D 241 -3.26 7.44 27.50
CA LEU D 241 -4.09 8.60 27.18
C LEU D 241 -4.32 8.72 25.65
N ILE D 242 -3.22 8.62 24.88
CA ILE D 242 -3.29 8.83 23.45
C ILE D 242 -4.20 7.77 22.80
N GLU D 243 -4.06 6.51 23.25
CA GLU D 243 -4.84 5.44 22.71
C GLU D 243 -6.35 5.74 22.90
N GLY D 244 -6.72 6.24 24.09
CA GLY D 244 -8.12 6.61 24.32
C GLY D 244 -8.56 7.78 23.44
N ILE D 245 -7.70 8.79 23.33
CA ILE D 245 -8.03 9.97 22.56
C ILE D 245 -8.24 9.56 21.10
N LEU D 246 -7.34 8.73 20.57
CA LEU D 246 -7.51 8.25 19.19
C LEU D 246 -8.82 7.48 18.99
N ALA D 247 -9.16 6.61 19.95
CA ALA D 247 -10.35 5.78 19.77
C ALA D 247 -11.58 6.66 19.88
N ASN D 248 -11.51 7.72 20.69
CA ASN D 248 -12.69 8.56 20.94
C ASN D 248 -12.92 9.64 19.86
N GLY D 249 -11.92 9.94 19.06
CA GLY D 249 -11.97 11.06 18.09
C GLY D 249 -10.90 12.08 18.50
N LEU D 250 -9.84 12.15 17.71
CA LEU D 250 -8.57 12.84 18.05
C LEU D 250 -8.80 14.29 18.40
N TYR D 251 -9.26 15.06 17.41
CA TYR D 251 -9.38 16.51 17.65
C TYR D 251 -10.50 16.91 18.64
N LEU D 252 -11.63 16.24 18.54
CA LEU D 252 -12.76 16.52 19.45
C LEU D 252 -12.41 16.18 20.88
N THR D 253 -11.64 15.12 21.08
CA THR D 253 -11.39 14.66 22.44
C THR D 253 -10.31 15.56 23.10
N ILE D 254 -9.30 15.99 22.35
CA ILE D 254 -8.35 16.99 22.91
C ILE D 254 -9.11 18.26 23.24
N LYS D 255 -10.02 18.70 22.35
CA LYS D 255 -10.86 19.86 22.70
C LYS D 255 -11.72 19.66 23.97
N GLU D 256 -12.29 18.49 24.11
CA GLU D 256 -13.11 18.19 25.31
C GLU D 256 -12.22 18.18 26.57
N LEU D 257 -10.98 17.73 26.42
CA LEU D 257 -10.05 17.75 27.56
C LEU D 257 -9.64 19.21 27.91
N LEU D 258 -9.56 20.06 26.90
CA LEU D 258 -9.39 21.49 27.16
C LEU D 258 -10.60 22.07 27.91
N LYS D 259 -11.82 21.75 27.41
CA LYS D 259 -13.05 22.29 28.01
C LYS D 259 -13.18 21.88 29.44
N LEU D 260 -12.79 20.65 29.73
CA LEU D 260 -12.78 20.19 31.12
C LEU D 260 -11.79 20.98 32.02
N ASP D 261 -10.85 21.69 31.42
CA ASP D 261 -9.97 22.58 32.20
C ASP D 261 -10.34 24.03 32.08
N GLY D 262 -11.58 24.30 31.66
CA GLY D 262 -12.08 25.66 31.57
C GLY D 262 -11.69 26.38 30.30
N VAL D 263 -11.09 25.70 29.33
CA VAL D 263 -10.73 26.35 28.07
C VAL D 263 -11.86 26.19 27.04
N GLU D 264 -12.26 27.29 26.43
CA GLU D 264 -13.42 27.31 25.52
C GLU D 264 -12.97 26.89 24.11
N ALA D 265 -12.67 25.61 23.97
CA ALA D 265 -11.99 25.10 22.76
C ALA D 265 -12.97 24.86 21.62
N GLY D 266 -14.26 24.99 21.91
CA GLY D 266 -15.28 25.04 20.85
C GLY D 266 -15.55 23.73 20.11
N TYR D 267 -16.13 23.85 18.92
CA TYR D 267 -16.51 22.77 18.06
C TYR D 267 -15.31 22.45 17.11
N CYS D 268 -15.39 21.33 16.40
CA CYS D 268 -14.58 21.10 15.18
C CYS D 268 -15.31 21.65 13.95
N ARG D 269 -14.57 21.78 12.87
CA ARG D 269 -15.05 22.45 11.66
C ARG D 269 -15.52 21.36 10.69
N GLU D 270 -16.77 21.46 10.21
CA GLU D 270 -17.26 20.57 9.10
C GLU D 270 -16.34 20.74 7.89
N PRO D 271 -16.06 19.65 7.12
CA PRO D 271 -16.66 18.33 7.19
C PRO D 271 -16.20 17.31 8.29
N MET D 272 -15.30 17.67 9.19
N MET D 272 -15.30 17.69 9.20
CA MET D 272 -15.09 16.87 10.40
CA MET D 272 -15.13 16.89 10.42
C MET D 272 -16.38 16.93 11.26
C MET D 272 -16.41 16.92 11.24
N THR D 273 -16.67 15.86 12.02
CA THR D 273 -17.82 15.83 12.92
C THR D 273 -17.61 16.97 13.91
N LYS D 274 -18.66 17.77 14.15
CA LYS D 274 -18.58 19.02 14.89
C LYS D 274 -18.43 18.88 16.38
N GLU D 275 -19.06 17.87 16.98
CA GLU D 275 -19.10 17.74 18.42
C GLU D 275 -19.24 16.25 18.72
N LEU D 276 -18.80 15.84 19.91
CA LEU D 276 -18.83 14.44 20.35
C LEU D 276 -20.27 14.00 20.59
N SER D 277 -20.57 12.71 20.40
CA SER D 277 -21.86 12.18 20.93
C SER D 277 -21.76 12.16 22.46
N SER D 278 -22.90 12.02 23.14
CA SER D 278 -22.89 12.06 24.58
C SER D 278 -22.02 11.01 25.23
N GLU D 279 -22.07 9.77 24.73
CA GLU D 279 -21.22 8.70 25.28
C GLU D 279 -19.75 8.97 25.12
N LYS D 280 -19.42 9.62 24.01
CA LYS D 280 -18.01 9.99 23.80
C LYS D 280 -17.61 11.18 24.70
N VAL D 281 -18.56 12.03 25.08
CA VAL D 281 -18.32 13.05 26.13
C VAL D 281 -17.97 12.35 27.45
N ALA D 282 -18.80 11.37 27.84
CA ALA D 282 -18.58 10.63 29.07
C ALA D 282 -17.22 9.92 29.04
N PHE D 283 -16.86 9.37 27.87
CA PHE D 283 -15.58 8.68 27.71
C PHE D 283 -14.44 9.68 27.91
N ALA D 284 -14.56 10.88 27.35
CA ALA D 284 -13.53 11.87 27.57
C ALA D 284 -13.37 12.27 29.05
N LYS D 285 -14.48 12.38 29.77
CA LYS D 285 -14.43 12.59 31.18
C LYS D 285 -13.67 11.51 31.92
N GLU D 286 -13.86 10.23 31.56
CA GLU D 286 -13.08 9.17 32.21
C GLU D 286 -11.57 9.37 31.95
N LEU D 287 -11.22 9.80 30.74
CA LEU D 287 -9.80 9.99 30.38
C LEU D 287 -9.21 11.12 31.22
N LYS D 288 -10.00 12.16 31.39
CA LYS D 288 -9.62 13.28 32.21
C LYS D 288 -9.33 12.77 33.64
N ALA D 289 -10.28 12.05 34.21
CA ALA D 289 -10.17 11.52 35.57
C ALA D 289 -8.95 10.58 35.78
N LYS D 290 -8.67 9.71 34.79
CA LYS D 290 -7.59 8.75 34.89
C LYS D 290 -6.24 9.34 34.67
N TYR D 291 -6.12 10.33 33.77
CA TYR D 291 -4.79 10.70 33.31
C TYR D 291 -4.47 12.15 33.49
N LEU D 292 -5.48 12.99 33.65
CA LEU D 292 -5.20 14.45 33.62
C LEU D 292 -5.80 15.20 34.84
N SER D 293 -5.82 14.52 35.98
CA SER D 293 -6.32 15.13 37.21
C SER D 293 -5.32 15.06 38.33
P PO4 E . -31.67 1.89 -8.21
O1 PO4 E . -31.15 1.01 -7.08
O2 PO4 E . -30.64 2.37 -9.13
O3 PO4 E . -32.73 1.14 -9.04
O4 PO4 E . -32.29 3.09 -7.51
C1 EDO F . -30.42 8.82 -12.35
O1 EDO F . -30.91 9.53 -13.52
C2 EDO F . -31.29 9.22 -11.16
O2 EDO F . -31.04 8.38 -10.02
C1 EDO G . -4.64 9.27 -18.56
O1 EDO G . -4.65 9.87 -17.25
C2 EDO G . -6.04 9.40 -19.14
O2 EDO G . -6.95 8.68 -18.30
C1 EDO H . -16.05 -8.77 -32.13
O1 EDO H . -15.97 -7.68 -33.03
C2 EDO H . -17.35 -9.50 -32.36
O2 EDO H . -18.17 -8.57 -33.11
C1 EDO I . -31.75 17.20 -16.21
O1 EDO I . -30.63 17.69 -15.46
C2 EDO I . -32.41 16.04 -15.50
O2 EDO I . -31.36 15.14 -15.12
P PO4 J . 4.91 -11.25 -30.27
O1 PO4 J . 6.22 -11.88 -29.84
O2 PO4 J . 4.65 -11.55 -31.75
O3 PO4 J . 3.75 -11.75 -29.51
O4 PO4 J . 5.10 -9.77 -30.04
C1 EDO K . -12.83 -15.46 -6.67
O1 EDO K . -11.51 -15.75 -6.19
C2 EDO K . -12.79 -15.88 -8.12
O2 EDO K . -11.74 -15.17 -8.76
C1 EDO L . 4.51 -18.32 -27.79
O1 EDO L . 4.96 -17.58 -28.91
C2 EDO L . 3.02 -18.05 -27.64
O2 EDO L . 2.30 -19.06 -28.37
P PO4 M . 1.79 -10.66 31.03
O1 PO4 M . 2.98 -10.41 30.14
O2 PO4 M . 0.49 -10.05 30.49
O3 PO4 M . 1.56 -12.14 31.13
O4 PO4 M . 2.14 -10.05 32.37
C1 EDO N . 4.21 -10.96 9.98
O1 EDO N . 5.07 -12.00 9.52
C2 EDO N . 3.42 -11.35 11.22
O2 EDO N . 2.76 -10.17 11.67
C1 EDO O . 19.28 -4.98 7.66
O1 EDO O . 18.48 -5.90 6.91
C2 EDO O . 19.26 -5.60 9.06
O2 EDO O . 18.05 -5.31 9.77
P PO4 P . 24.80 20.08 7.74
O1 PO4 P . 26.01 19.80 8.61
O2 PO4 P . 24.91 19.36 6.40
O3 PO4 P . 23.62 19.64 8.56
O4 PO4 P . 24.65 21.54 7.44
C1 EDO Q . 6.54 14.43 2.63
O1 EDO Q . 6.97 13.31 3.39
C2 EDO Q . 5.57 15.30 3.44
O2 EDO Q . 4.28 14.73 3.57
C1 EDO R . -0.45 11.76 18.54
O1 EDO R . 0.47 11.78 17.42
C2 EDO R . -1.79 11.11 18.20
O2 EDO R . -2.07 11.41 16.83
C1 EDO S . 21.69 25.02 9.35
O1 EDO S . 22.17 25.35 8.04
C2 EDO S . 20.29 25.55 9.48
O2 EDO S . 19.84 25.18 10.79
#